data_8X1F
#
_entry.id   8X1F
#
_cell.length_a   94.436
_cell.length_b   113.983
_cell.length_c   101.424
_cell.angle_alpha   90.00
_cell.angle_beta   91.56
_cell.angle_gamma   90.00
#
_symmetry.space_group_name_H-M   'I 1 2 1'
#
loop_
_entity.id
_entity.type
_entity.pdbx_description
1 polymer 'D-aminoacid aminotransferase-like PLP-dependent enzyme'
2 non-polymer "PYRIDOXAL-5'-PHOSPHATE"
3 water water
#
_entity_poly.entity_id   1
_entity_poly.type   'polypeptide(L)'
_entity_poly.pdbx_seq_one_letter_code
;MGSSHHHHHHMASMDKVFAGYAARQAILESTETTNPFAKGIAWVEGELVPLAEARIPLLDQGFMHSDLTYDVPSVWDGRF
FRLDDHLTRLEASCTKLRLRLPLPRDEVKQILVEMVAKSGIRDAFVELIVTRGLKGVRGTRPEDIVNNLYMFVQPYVWVM
EPDMQRVGGSAVVARTVRRVPPGAIDPTVKNLQWGDLVRGMFEAADRGATYPFLTDGDANLTEGSGFNIVLVKDGVLYTP
DRGVLQGVTRKSVINAAEAFGIEVRVEFVPVELAYRCDEIFMCTTAGGIMPITTLDGMPVNGGQIGPITKKIWDGYWAMH
YDAAYSFEIDYNERN
;
_entity_poly.pdbx_strand_id   A,B
#
loop_
_chem_comp.id
_chem_comp.type
_chem_comp.name
_chem_comp.formula
PLP non-polymer PYRIDOXAL-5'-PHOSPHATE 'C8 H10 N O6 P'
#
# COMPACT_ATOMS: atom_id res chain seq x y z
N MET A 11 -10.23 -26.99 -25.90
CA MET A 11 -10.93 -27.11 -27.22
C MET A 11 -12.40 -27.51 -26.93
N ALA A 12 -12.66 -28.83 -26.85
CA ALA A 12 -13.81 -29.40 -26.15
C ALA A 12 -13.64 -29.27 -24.62
N SER A 13 -12.40 -29.09 -24.15
CA SER A 13 -12.07 -28.91 -22.74
C SER A 13 -12.41 -27.50 -22.25
N MET A 14 -12.20 -26.48 -23.12
CA MET A 14 -12.55 -25.10 -22.81
C MET A 14 -14.08 -24.92 -22.80
N ASP A 15 -14.75 -25.54 -23.79
CA ASP A 15 -16.19 -25.58 -23.89
C ASP A 15 -16.83 -26.23 -22.65
N LYS A 16 -16.21 -27.30 -22.12
CA LYS A 16 -16.68 -27.98 -20.92
C LYS A 16 -16.48 -27.13 -19.65
N VAL A 17 -15.42 -26.33 -19.60
CA VAL A 17 -15.12 -25.60 -18.38
C VAL A 17 -16.04 -24.37 -18.33
N PHE A 18 -16.17 -23.69 -19.47
CA PHE A 18 -16.91 -22.44 -19.56
C PHE A 18 -18.43 -22.66 -19.71
N ALA A 19 -18.86 -23.82 -20.21
CA ALA A 19 -20.29 -24.13 -20.27
C ALA A 19 -20.80 -24.46 -18.87
N GLY A 20 -20.02 -25.26 -18.12
CA GLY A 20 -20.35 -25.63 -16.75
C GLY A 20 -20.42 -24.40 -15.86
N TYR A 21 -19.45 -23.50 -15.99
CA TYR A 21 -19.43 -22.23 -15.28
C TYR A 21 -20.71 -21.43 -15.51
N ALA A 22 -21.08 -21.22 -16.80
CA ALA A 22 -22.21 -20.36 -17.19
C ALA A 22 -23.54 -20.91 -16.68
N ALA A 23 -23.62 -22.25 -16.68
CA ALA A 23 -24.74 -23.02 -16.17
C ALA A 23 -24.88 -22.82 -14.66
N ARG A 24 -23.76 -23.00 -13.95
CA ARG A 24 -23.71 -22.79 -12.51
C ARG A 24 -24.02 -21.33 -12.16
N GLN A 25 -23.56 -20.36 -12.99
CA GLN A 25 -23.81 -18.94 -12.76
C GLN A 25 -25.30 -18.61 -12.88
N ALA A 26 -25.96 -19.08 -13.96
CA ALA A 26 -27.41 -18.91 -14.11
C ALA A 26 -28.16 -19.33 -12.84
N ILE A 27 -27.81 -20.49 -12.25
CA ILE A 27 -28.43 -21.01 -11.04
C ILE A 27 -28.07 -20.17 -9.80
N LEU A 28 -26.87 -19.59 -9.75
CA LEU A 28 -26.50 -18.75 -8.62
C LEU A 28 -27.20 -17.38 -8.73
N GLU A 29 -27.44 -16.92 -9.96
CA GLU A 29 -28.10 -15.63 -10.16
C GLU A 29 -29.54 -15.73 -9.64
N SER A 30 -30.13 -16.94 -9.68
CA SER A 30 -31.54 -17.12 -9.40
C SER A 30 -31.78 -17.00 -7.90
N THR A 31 -30.72 -17.22 -7.10
CA THR A 31 -30.79 -17.28 -5.64
C THR A 31 -30.54 -15.92 -5.01
N GLU A 32 -30.19 -14.91 -5.83
CA GLU A 32 -29.89 -13.55 -5.38
C GLU A 32 -31.11 -12.93 -4.69
N THR A 33 -32.32 -13.29 -5.16
CA THR A 33 -33.59 -12.89 -4.53
C THR A 33 -33.74 -13.50 -3.13
N THR A 34 -33.57 -14.81 -2.99
CA THR A 34 -33.85 -15.48 -1.73
C THR A 34 -32.69 -15.35 -0.73
N ASN A 35 -31.43 -15.25 -1.20
CA ASN A 35 -30.25 -15.43 -0.36
C ASN A 35 -29.35 -14.18 -0.40
N PRO A 36 -29.24 -13.39 0.71
CA PRO A 36 -28.52 -12.12 0.69
C PRO A 36 -26.99 -12.23 0.67
N PHE A 37 -26.48 -13.45 0.79
CA PHE A 37 -25.05 -13.76 0.68
C PHE A 37 -24.68 -14.33 -0.71
N ALA A 38 -25.62 -14.37 -1.67
CA ALA A 38 -25.38 -14.95 -2.99
C ALA A 38 -24.52 -14.05 -3.88
N LYS A 39 -24.40 -12.76 -3.52
CA LYS A 39 -23.47 -11.83 -4.14
C LYS A 39 -22.19 -11.67 -3.32
N GLY A 40 -21.90 -12.60 -2.38
CA GLY A 40 -20.72 -12.53 -1.54
C GLY A 40 -21.02 -12.39 -0.05
N ILE A 41 -20.08 -12.83 0.78
CA ILE A 41 -20.21 -12.90 2.22
C ILE A 41 -18.87 -12.55 2.85
N ALA A 42 -18.90 -11.82 3.96
CA ALA A 42 -17.72 -11.32 4.63
C ALA A 42 -17.79 -11.72 6.11
N TRP A 43 -16.60 -11.94 6.70
CA TRP A 43 -16.41 -12.15 8.13
C TRP A 43 -15.72 -10.91 8.70
N VAL A 44 -16.35 -10.27 9.69
CA VAL A 44 -15.82 -9.06 10.31
C VAL A 44 -16.11 -9.12 11.82
N GLU A 45 -15.01 -9.19 12.61
CA GLU A 45 -15.10 -9.22 14.06
C GLU A 45 -16.10 -10.31 14.45
N GLY A 46 -15.93 -11.52 13.85
CA GLY A 46 -16.73 -12.70 14.15
C GLY A 46 -18.14 -12.72 13.53
N GLU A 47 -18.51 -11.69 12.75
CA GLU A 47 -19.87 -11.53 12.21
C GLU A 47 -19.89 -11.82 10.71
N LEU A 48 -20.95 -12.50 10.24
CA LEU A 48 -21.16 -12.74 8.82
C LEU A 48 -22.12 -11.68 8.28
N VAL A 49 -21.70 -10.95 7.24
CA VAL A 49 -22.52 -9.94 6.59
C VAL A 49 -22.41 -10.05 5.07
N PRO A 50 -23.41 -9.56 4.32
CA PRO A 50 -23.29 -9.44 2.85
C PRO A 50 -22.07 -8.60 2.53
N LEU A 51 -21.43 -8.86 1.38
CA LEU A 51 -20.13 -8.27 1.07
C LEU A 51 -20.29 -6.76 0.82
N ALA A 52 -21.41 -6.37 0.19
CA ALA A 52 -21.63 -4.99 -0.22
C ALA A 52 -21.81 -4.10 1.01
N GLU A 53 -22.10 -4.71 2.17
CA GLU A 53 -22.39 -4.00 3.41
C GLU A 53 -21.25 -4.11 4.43
N ALA A 54 -20.14 -4.78 4.10
CA ALA A 54 -19.06 -4.94 5.05
C ALA A 54 -18.29 -3.64 5.20
N ARG A 55 -17.94 -3.32 6.45
CA ARG A 55 -17.28 -2.08 6.82
C ARG A 55 -16.17 -2.40 7.81
N ILE A 56 -14.99 -1.80 7.60
CA ILE A 56 -13.84 -1.96 8.49
C ILE A 56 -13.55 -0.62 9.17
N PRO A 57 -12.96 -0.60 10.39
CA PRO A 57 -12.59 0.66 11.06
C PRO A 57 -11.61 1.48 10.22
N LEU A 58 -11.88 2.78 10.13
CA LEU A 58 -11.01 3.72 9.42
C LEU A 58 -9.57 3.55 9.91
N LEU A 59 -9.41 3.47 11.24
CA LEU A 59 -8.12 3.48 11.92
C LEU A 59 -7.37 2.15 11.79
N ASP A 60 -7.94 1.15 11.10
CA ASP A 60 -7.21 -0.09 10.86
C ASP A 60 -5.99 0.24 10.00
N GLN A 61 -4.84 -0.34 10.39
CA GLN A 61 -3.53 -0.06 9.83
C GLN A 61 -3.35 -0.71 8.46
N GLY A 62 -4.18 -1.71 8.13
CA GLY A 62 -4.36 -2.18 6.76
C GLY A 62 -4.78 -1.06 5.81
N PHE A 63 -5.53 -0.09 6.31
CA PHE A 63 -5.96 1.06 5.53
C PHE A 63 -4.99 2.23 5.75
N MET A 64 -4.63 2.48 7.01
CA MET A 64 -3.80 3.62 7.40
C MET A 64 -2.40 3.56 6.76
N HIS A 65 -1.79 2.37 6.65
CA HIS A 65 -0.39 2.27 6.22
C HIS A 65 -0.18 1.01 5.36
N SER A 66 -1.28 0.44 4.83
CA SER A 66 -1.32 -0.86 4.17
C SER A 66 -0.37 -1.88 4.82
N ASP A 67 -0.44 -1.95 6.15
CA ASP A 67 0.38 -2.85 6.96
C ASP A 67 -0.33 -4.20 7.04
N LEU A 68 -0.28 -4.96 5.95
CA LEU A 68 -1.06 -6.17 5.87
C LEU A 68 -0.38 -7.11 4.90
N THR A 69 -0.72 -8.41 5.01
CA THR A 69 -0.62 -9.39 3.93
C THR A 69 -2.00 -9.99 3.64
N TYR A 70 -2.11 -10.74 2.53
CA TYR A 70 -3.32 -11.47 2.19
C TYR A 70 -3.02 -12.76 1.40
N ASP A 71 -4.04 -13.64 1.27
CA ASP A 71 -3.95 -14.72 0.29
C ASP A 71 -5.35 -14.95 -0.31
N VAL A 72 -5.41 -15.70 -1.41
CA VAL A 72 -6.62 -15.79 -2.22
C VAL A 72 -6.80 -17.20 -2.78
N PRO A 73 -7.33 -18.18 -2.00
CA PRO A 73 -7.74 -19.46 -2.58
C PRO A 73 -8.97 -19.31 -3.49
N SER A 74 -9.45 -20.45 -4.02
CA SER A 74 -10.56 -20.45 -4.95
C SER A 74 -11.38 -21.73 -4.76
N VAL A 75 -12.67 -21.63 -5.18
CA VAL A 75 -13.59 -22.74 -5.34
C VAL A 75 -14.04 -22.79 -6.82
N TRP A 76 -13.93 -23.99 -7.44
CA TRP A 76 -14.46 -24.33 -8.76
C TRP A 76 -15.33 -25.57 -8.64
N ASP A 77 -16.59 -25.46 -9.07
CA ASP A 77 -17.52 -26.58 -9.15
C ASP A 77 -17.71 -27.20 -7.76
N GLY A 78 -17.85 -26.34 -6.74
CA GLY A 78 -18.04 -26.79 -5.37
C GLY A 78 -16.77 -27.32 -4.68
N ARG A 79 -15.60 -27.20 -5.32
CA ARG A 79 -14.35 -27.81 -4.85
C ARG A 79 -13.31 -26.72 -4.61
N PHE A 80 -12.86 -26.60 -3.36
CA PHE A 80 -11.68 -25.82 -2.99
C PHE A 80 -10.45 -26.30 -3.77
N PHE A 81 -9.70 -25.38 -4.41
CA PHE A 81 -8.46 -25.73 -5.11
C PHE A 81 -7.25 -25.32 -4.27
N ARG A 82 -6.50 -26.34 -3.82
CA ARG A 82 -5.20 -26.22 -3.16
C ARG A 82 -5.28 -25.27 -1.95
N LEU A 83 -6.36 -25.36 -1.16
CA LEU A 83 -6.56 -24.46 -0.04
C LEU A 83 -5.36 -24.47 0.92
N ASP A 84 -4.81 -25.65 1.25
CA ASP A 84 -3.75 -25.73 2.24
C ASP A 84 -2.43 -25.08 1.80
N ASP A 85 -2.15 -25.02 0.48
CA ASP A 85 -1.00 -24.29 -0.03
C ASP A 85 -1.17 -22.79 0.22
N HIS A 86 -2.38 -22.30 0.03
CA HIS A 86 -2.73 -20.92 0.23
C HIS A 86 -2.75 -20.55 1.72
N LEU A 87 -3.02 -21.50 2.59
CA LEU A 87 -3.02 -21.24 4.01
C LEU A 87 -1.62 -21.28 4.59
N THR A 88 -0.76 -22.03 3.97
CA THR A 88 0.62 -22.19 4.38
C THR A 88 1.39 -20.95 3.90
N ARG A 89 1.08 -20.48 2.70
CA ARG A 89 1.74 -19.28 2.17
C ARG A 89 1.35 -18.07 3.01
N LEU A 90 0.13 -18.09 3.55
CA LEU A 90 -0.40 -16.95 4.28
C LEU A 90 0.30 -16.83 5.63
N GLU A 91 0.55 -17.98 6.28
CA GLU A 91 1.21 -18.07 7.58
C GLU A 91 2.67 -17.64 7.43
N ALA A 92 3.30 -18.01 6.29
CA ALA A 92 4.68 -17.70 6.01
C ALA A 92 4.83 -16.21 5.67
N SER A 93 3.84 -15.65 4.98
CA SER A 93 3.76 -14.21 4.73
C SER A 93 3.65 -13.44 6.04
N CYS A 94 2.83 -13.98 6.96
CA CYS A 94 2.57 -13.39 8.26
C CYS A 94 3.91 -13.35 9.00
N THR A 95 4.59 -14.50 9.03
CA THR A 95 5.86 -14.62 9.74
C THR A 95 6.81 -13.50 9.31
N LYS A 96 7.02 -13.34 8.02
CA LYS A 96 7.98 -12.35 7.51
C LYS A 96 7.62 -10.89 7.86
N LEU A 97 6.35 -10.57 8.18
CA LEU A 97 5.99 -9.19 8.54
C LEU A 97 5.71 -9.05 10.05
N ARG A 98 6.06 -10.09 10.83
CA ARG A 98 5.87 -10.12 12.28
C ARG A 98 4.39 -9.97 12.62
N LEU A 99 3.56 -10.54 11.74
CA LEU A 99 2.14 -10.72 11.99
C LEU A 99 1.90 -12.17 12.40
N ARG A 100 0.73 -12.42 13.00
CA ARG A 100 0.27 -13.75 13.33
C ARG A 100 -1.22 -13.84 12.99
N LEU A 101 -1.57 -14.95 12.30
CA LEU A 101 -2.94 -15.29 12.00
C LEU A 101 -3.73 -15.31 13.31
N PRO A 102 -4.82 -14.51 13.47
CA PRO A 102 -5.50 -14.39 14.76
C PRO A 102 -6.30 -15.60 15.25
N LEU A 103 -6.50 -16.61 14.41
CA LEU A 103 -7.21 -17.82 14.82
C LEU A 103 -6.37 -19.02 14.41
N PRO A 104 -6.56 -20.20 15.05
CA PRO A 104 -6.00 -21.44 14.54
C PRO A 104 -6.42 -21.67 13.08
N ARG A 105 -5.57 -22.38 12.32
CA ARG A 105 -5.76 -22.51 10.87
C ARG A 105 -6.90 -23.50 10.62
N ASP A 106 -7.04 -24.47 11.52
CA ASP A 106 -8.11 -25.46 11.46
C ASP A 106 -9.45 -24.76 11.60
N GLU A 107 -9.48 -23.71 12.41
CA GLU A 107 -10.70 -22.96 12.66
C GLU A 107 -11.01 -22.05 11.48
N VAL A 108 -9.96 -21.44 10.90
CA VAL A 108 -10.05 -20.56 9.74
C VAL A 108 -10.59 -21.33 8.54
N LYS A 109 -10.06 -22.55 8.30
CA LYS A 109 -10.50 -23.44 7.23
C LYS A 109 -11.99 -23.79 7.34
N GLN A 110 -12.50 -23.98 8.56
CA GLN A 110 -13.88 -24.39 8.77
C GLN A 110 -14.83 -23.22 8.56
N ILE A 111 -14.43 -22.03 9.03
CA ILE A 111 -15.19 -20.80 8.78
C ILE A 111 -15.25 -20.52 7.29
N LEU A 112 -14.15 -20.78 6.55
CA LEU A 112 -14.16 -20.56 5.11
C LEU A 112 -15.20 -21.45 4.42
N VAL A 113 -15.18 -22.75 4.73
CA VAL A 113 -16.11 -23.73 4.20
C VAL A 113 -17.55 -23.33 4.53
N GLU A 114 -17.79 -22.91 5.78
CA GLU A 114 -19.09 -22.38 6.19
C GLU A 114 -19.51 -21.19 5.32
N MET A 115 -18.58 -20.26 5.04
CA MET A 115 -18.86 -19.04 4.32
C MET A 115 -19.21 -19.32 2.87
N VAL A 116 -18.47 -20.25 2.25
CA VAL A 116 -18.72 -20.62 0.87
C VAL A 116 -20.12 -21.23 0.76
N ALA A 117 -20.51 -22.01 1.76
CA ALA A 117 -21.69 -22.84 1.69
C ALA A 117 -22.97 -22.01 1.86
N LYS A 118 -22.95 -21.02 2.78
CA LYS A 118 -24.08 -20.12 3.00
C LYS A 118 -24.29 -19.18 1.81
N SER A 119 -23.21 -18.92 1.05
CA SER A 119 -23.28 -18.07 -0.14
C SER A 119 -23.97 -18.85 -1.27
N GLY A 120 -23.67 -20.17 -1.32
CA GLY A 120 -24.15 -21.03 -2.36
C GLY A 120 -23.36 -20.89 -3.65
N ILE A 121 -22.20 -20.19 -3.56
CA ILE A 121 -21.32 -19.91 -4.69
C ILE A 121 -20.45 -21.15 -4.93
N ARG A 122 -20.51 -21.65 -6.18
CA ARG A 122 -19.83 -22.87 -6.62
C ARG A 122 -18.47 -22.56 -7.26
N ASP A 123 -18.35 -21.34 -7.83
CA ASP A 123 -17.12 -20.84 -8.42
C ASP A 123 -16.80 -19.48 -7.77
N ALA A 124 -15.74 -19.44 -6.92
CA ALA A 124 -15.52 -18.32 -6.01
C ALA A 124 -14.06 -17.87 -5.90
N PHE A 125 -13.92 -16.55 -5.79
CA PHE A 125 -12.76 -15.86 -5.26
C PHE A 125 -12.82 -15.72 -3.74
N VAL A 126 -11.84 -16.26 -3.00
CA VAL A 126 -11.84 -16.24 -1.53
C VAL A 126 -10.62 -15.46 -1.02
N GLU A 127 -10.82 -14.44 -0.18
CA GLU A 127 -9.70 -13.60 0.25
C GLU A 127 -9.62 -13.55 1.78
N LEU A 128 -8.39 -13.76 2.31
CA LEU A 128 -8.08 -13.62 3.71
C LEU A 128 -7.10 -12.45 3.83
N ILE A 129 -7.32 -11.56 4.80
CA ILE A 129 -6.46 -10.41 5.02
C ILE A 129 -6.08 -10.42 6.50
N VAL A 130 -4.78 -10.28 6.81
CA VAL A 130 -4.32 -10.17 8.18
C VAL A 130 -3.62 -8.81 8.32
N THR A 131 -4.19 -7.90 9.13
CA THR A 131 -3.62 -6.56 9.26
C THR A 131 -3.02 -6.40 10.65
N ARG A 132 -2.19 -5.38 10.80
CA ARG A 132 -1.50 -5.02 12.00
C ARG A 132 -2.44 -4.70 13.13
N GLY A 133 -3.64 -4.26 12.81
CA GLY A 133 -4.70 -3.95 13.75
C GLY A 133 -4.83 -2.45 13.96
N LEU A 134 -5.56 -2.07 15.02
CA LEU A 134 -5.95 -0.70 15.25
C LEU A 134 -4.78 0.14 15.77
N LYS A 135 -3.73 -0.52 16.32
CA LYS A 135 -2.53 0.16 16.78
C LYS A 135 -1.35 -0.09 15.81
N GLY A 136 -0.74 1.03 15.37
CA GLY A 136 0.32 1.03 14.38
C GLY A 136 1.68 0.74 14.99
N VAL A 137 2.70 0.56 14.14
CA VAL A 137 3.99 0.08 14.63
C VAL A 137 4.71 1.23 15.31
N ARG A 138 4.56 2.44 14.74
CA ARG A 138 5.35 3.60 15.12
C ARG A 138 4.89 4.15 16.46
N GLY A 139 5.51 3.69 17.56
CA GLY A 139 5.26 4.25 18.88
C GLY A 139 4.43 3.35 19.80
N THR A 140 4.40 2.03 19.52
CA THR A 140 3.72 1.03 20.34
C THR A 140 4.69 -0.09 20.68
N ARG A 141 4.60 -0.61 21.91
CA ARG A 141 5.36 -1.79 22.30
C ARG A 141 4.75 -3.00 21.59
N PRO A 142 5.56 -3.86 20.92
CA PRO A 142 5.02 -4.99 20.14
C PRO A 142 4.03 -5.94 20.82
N GLU A 143 3.98 -5.90 22.17
CA GLU A 143 3.11 -6.77 22.95
C GLU A 143 1.70 -6.19 23.08
N ASP A 144 1.53 -4.87 22.82
CA ASP A 144 0.23 -4.22 22.87
C ASP A 144 -0.49 -4.30 21.51
N ILE A 145 0.14 -4.93 20.50
CA ILE A 145 -0.34 -4.96 19.12
C ILE A 145 -1.24 -6.19 18.94
N VAL A 146 -2.49 -5.94 18.49
CA VAL A 146 -3.48 -6.98 18.24
C VAL A 146 -3.81 -6.99 16.75
N ASN A 147 -3.43 -8.08 16.07
CA ASN A 147 -3.66 -8.22 14.63
C ASN A 147 -5.13 -8.55 14.37
N ASN A 148 -5.67 -8.01 13.27
CA ASN A 148 -7.07 -8.21 12.86
C ASN A 148 -7.11 -9.12 11.63
N LEU A 149 -8.19 -9.92 11.53
CA LEU A 149 -8.51 -10.78 10.39
C LEU A 149 -9.76 -10.25 9.66
N TYR A 150 -9.74 -10.38 8.32
CA TYR A 150 -10.91 -10.18 7.47
C TYR A 150 -10.93 -11.31 6.44
N MET A 151 -12.12 -11.75 6.04
CA MET A 151 -12.24 -12.86 5.11
C MET A 151 -13.49 -12.60 4.29
N PHE A 152 -13.47 -12.92 3.00
CA PHE A 152 -14.66 -12.71 2.20
C PHE A 152 -14.67 -13.67 1.01
N VAL A 153 -15.89 -14.03 0.61
CA VAL A 153 -16.14 -14.86 -0.56
C VAL A 153 -16.92 -14.03 -1.57
N GLN A 154 -16.58 -14.18 -2.86
CA GLN A 154 -17.32 -13.49 -3.90
C GLN A 154 -17.30 -14.37 -5.15
N PRO A 155 -18.25 -14.15 -6.10
CA PRO A 155 -18.21 -14.80 -7.41
C PRO A 155 -16.82 -14.75 -8.05
N TYR A 156 -16.41 -15.87 -8.66
CA TYR A 156 -15.11 -15.98 -9.31
C TYR A 156 -14.81 -14.77 -10.19
N VAL A 157 -13.56 -14.28 -10.10
CA VAL A 157 -13.07 -13.10 -10.82
C VAL A 157 -12.13 -13.54 -11.95
N TRP A 158 -12.32 -12.94 -13.14
CA TRP A 158 -11.53 -13.21 -14.35
C TRP A 158 -10.62 -12.00 -14.65
N VAL A 159 -9.30 -12.21 -14.54
CA VAL A 159 -8.31 -11.24 -15.02
C VAL A 159 -8.25 -11.25 -16.55
N MET A 160 -8.56 -12.41 -17.15
CA MET A 160 -8.86 -12.50 -18.57
C MET A 160 -10.16 -13.26 -18.72
N GLU A 161 -11.16 -12.60 -19.33
CA GLU A 161 -12.49 -13.17 -19.51
C GLU A 161 -12.38 -14.48 -20.28
N PRO A 162 -13.24 -15.50 -20.05
CA PRO A 162 -13.17 -16.76 -20.79
C PRO A 162 -13.08 -16.66 -22.31
N ASP A 163 -13.69 -15.63 -22.92
CA ASP A 163 -13.73 -15.49 -24.37
C ASP A 163 -12.40 -14.94 -24.91
N MET A 164 -11.76 -14.01 -24.18
CA MET A 164 -10.43 -13.56 -24.56
C MET A 164 -9.40 -14.68 -24.36
N GLN A 165 -9.72 -15.72 -23.56
CA GLN A 165 -8.81 -16.84 -23.35
C GLN A 165 -8.75 -17.74 -24.60
N ARG A 166 -9.79 -17.69 -25.45
CA ARG A 166 -9.83 -18.52 -26.64
C ARG A 166 -8.97 -17.94 -27.76
N VAL A 167 -8.71 -16.63 -27.69
CA VAL A 167 -8.04 -15.87 -28.74
C VAL A 167 -6.65 -15.38 -28.26
N GLY A 168 -6.53 -15.00 -26.97
CA GLY A 168 -5.32 -14.44 -26.40
C GLY A 168 -5.39 -12.91 -26.27
N GLY A 169 -4.74 -12.36 -25.24
CA GLY A 169 -4.72 -10.93 -24.98
C GLY A 169 -3.48 -10.25 -25.56
N SER A 170 -3.43 -8.92 -25.47
CA SER A 170 -2.23 -8.16 -25.78
C SER A 170 -1.58 -7.58 -24.52
N ALA A 171 -0.24 -7.72 -24.48
CA ALA A 171 0.63 -7.23 -23.43
C ALA A 171 1.61 -6.20 -23.98
N VAL A 172 2.25 -5.47 -23.07
CA VAL A 172 3.42 -4.65 -23.36
C VAL A 172 4.45 -4.92 -22.28
N VAL A 173 5.74 -4.82 -22.65
CA VAL A 173 6.80 -4.70 -21.68
C VAL A 173 6.83 -3.22 -21.26
N ALA A 174 6.54 -2.97 -19.97
CA ALA A 174 6.34 -1.62 -19.48
C ALA A 174 7.66 -0.87 -19.54
N ARG A 175 7.60 0.43 -19.78
CA ARG A 175 8.77 1.29 -19.91
C ARG A 175 8.57 2.68 -19.25
N THR A 176 7.44 2.90 -18.58
CA THR A 176 7.26 4.05 -17.70
C THR A 176 7.43 3.63 -16.24
N VAL A 177 7.42 2.31 -15.97
CA VAL A 177 7.37 1.77 -14.61
C VAL A 177 8.16 0.45 -14.57
N ARG A 178 8.76 0.18 -13.40
CA ARG A 178 9.44 -1.08 -13.13
C ARG A 178 8.93 -1.64 -11.80
N ARG A 179 9.09 -2.94 -11.59
CA ARG A 179 8.59 -3.62 -10.41
C ARG A 179 9.38 -3.18 -9.19
N VAL A 180 8.65 -2.94 -8.08
CA VAL A 180 9.22 -2.66 -6.77
C VAL A 180 10.25 -3.74 -6.42
N PRO A 181 11.53 -3.39 -6.16
CA PRO A 181 12.57 -4.40 -5.89
C PRO A 181 12.49 -5.05 -4.50
N PRO A 182 12.88 -6.34 -4.36
CA PRO A 182 12.69 -7.09 -3.09
C PRO A 182 13.28 -6.47 -1.81
N GLY A 183 14.36 -5.68 -1.94
CA GLY A 183 14.97 -4.98 -0.82
C GLY A 183 14.25 -3.68 -0.43
N ALA A 184 13.13 -3.36 -1.10
CA ALA A 184 12.18 -2.35 -0.63
C ALA A 184 10.93 -3.04 -0.05
N ILE A 185 10.30 -3.88 -0.86
CA ILE A 185 9.18 -4.72 -0.45
C ILE A 185 9.34 -6.10 -1.11
N ASP A 186 9.32 -7.17 -0.27
CA ASP A 186 9.46 -8.57 -0.64
C ASP A 186 8.28 -9.08 -1.45
N PRO A 187 8.43 -9.36 -2.77
CA PRO A 187 7.28 -9.71 -3.59
C PRO A 187 6.74 -11.11 -3.29
N THR A 188 7.47 -11.88 -2.44
CA THR A 188 7.02 -13.20 -2.02
C THR A 188 6.05 -13.06 -0.85
N VAL A 189 5.99 -11.87 -0.24
CA VAL A 189 4.94 -11.56 0.71
C VAL A 189 3.76 -10.92 -0.04
N LYS A 190 2.69 -11.69 -0.26
CA LYS A 190 1.51 -11.12 -0.91
C LYS A 190 1.06 -9.84 -0.21
N ASN A 191 0.90 -8.77 -0.99
CA ASN A 191 0.52 -7.47 -0.43
C ASN A 191 -0.30 -6.66 -1.42
N LEU A 192 -0.89 -5.59 -0.91
CA LEU A 192 -1.79 -4.77 -1.71
C LEU A 192 -1.14 -3.39 -1.94
N GLN A 193 0.20 -3.30 -1.85
CA GLN A 193 0.90 -2.08 -2.22
C GLN A 193 1.07 -2.09 -3.75
N TRP A 194 0.03 -1.69 -4.49
CA TRP A 194 -0.01 -1.88 -5.94
C TRP A 194 0.34 -0.62 -6.74
N GLY A 195 1.18 0.27 -6.19
CA GLY A 195 1.51 1.52 -6.87
C GLY A 195 2.08 1.27 -8.26
N ASP A 196 3.09 0.39 -8.35
CA ASP A 196 3.77 0.08 -9.59
C ASP A 196 2.79 -0.58 -10.58
N LEU A 197 2.02 -1.57 -10.06
CA LEU A 197 1.09 -2.36 -10.85
C LEU A 197 -0.01 -1.50 -11.48
N VAL A 198 -0.52 -0.50 -10.72
CA VAL A 198 -1.53 0.44 -11.24
C VAL A 198 -0.92 1.35 -12.31
N ARG A 199 0.30 1.85 -12.10
CA ARG A 199 0.96 2.61 -13.15
C ARG A 199 1.13 1.77 -14.43
N GLY A 200 1.30 0.44 -14.28
CA GLY A 200 1.53 -0.43 -15.41
C GLY A 200 0.25 -0.75 -16.18
N MET A 201 -0.86 -0.90 -15.44
CA MET A 201 -2.17 -1.09 -16.05
C MET A 201 -2.54 0.14 -16.89
N PHE A 202 -2.23 1.34 -16.38
CA PHE A 202 -2.46 2.58 -17.11
C PHE A 202 -1.63 2.70 -18.37
N GLU A 203 -0.33 2.41 -18.26
CA GLU A 203 0.54 2.37 -19.43
C GLU A 203 -0.03 1.40 -20.47
N ALA A 204 -0.29 0.13 -20.06
CA ALA A 204 -0.85 -0.85 -20.97
C ALA A 204 -2.04 -0.21 -21.74
N ALA A 205 -2.97 0.42 -21.01
CA ALA A 205 -4.16 1.02 -21.61
C ALA A 205 -3.75 2.15 -22.55
N ASP A 206 -2.83 3.02 -22.12
CA ASP A 206 -2.33 4.11 -22.96
C ASP A 206 -1.70 3.64 -24.27
N ARG A 207 -1.11 2.44 -24.27
CA ARG A 207 -0.41 1.93 -25.44
C ARG A 207 -1.31 0.99 -26.26
N GLY A 208 -2.64 0.99 -25.99
CA GLY A 208 -3.57 0.15 -26.73
C GLY A 208 -3.50 -1.34 -26.36
N ALA A 209 -3.04 -1.69 -25.16
CA ALA A 209 -2.99 -3.08 -24.71
C ALA A 209 -3.71 -3.20 -23.36
N THR A 210 -3.84 -4.45 -22.87
CA THR A 210 -4.51 -4.73 -21.61
C THR A 210 -3.50 -4.97 -20.46
N TYR A 211 -2.48 -5.80 -20.71
CA TYR A 211 -1.69 -6.45 -19.69
C TYR A 211 -0.29 -5.87 -19.65
N PRO A 212 0.19 -5.38 -18.48
CA PRO A 212 1.59 -4.98 -18.32
C PRO A 212 2.52 -6.10 -17.84
N PHE A 213 3.73 -6.17 -18.45
CA PHE A 213 4.84 -7.01 -18.00
C PHE A 213 5.94 -6.10 -17.49
N LEU A 214 6.26 -6.24 -16.19
CA LEU A 214 7.15 -5.31 -15.50
C LEU A 214 8.55 -5.91 -15.44
N THR A 215 9.55 -5.05 -15.65
CA THR A 215 10.95 -5.44 -15.49
C THR A 215 11.37 -5.15 -14.04
N ASP A 216 12.51 -5.73 -13.63
CA ASP A 216 13.18 -5.40 -12.38
C ASP A 216 14.08 -4.16 -12.53
N GLY A 217 14.00 -3.44 -13.65
CA GLY A 217 14.91 -2.33 -13.91
C GLY A 217 16.30 -2.76 -14.37
N ASP A 218 16.61 -4.06 -14.28
CA ASP A 218 17.93 -4.56 -14.66
C ASP A 218 17.83 -5.42 -15.92
N ALA A 219 16.76 -5.22 -16.71
CA ALA A 219 16.59 -5.79 -18.05
C ALA A 219 16.18 -7.27 -17.99
N ASN A 220 15.48 -7.66 -16.91
CA ASN A 220 14.85 -8.97 -16.79
C ASN A 220 13.35 -8.79 -16.54
N LEU A 221 12.57 -9.87 -16.71
CA LEU A 221 11.13 -9.84 -16.48
C LEU A 221 10.85 -10.24 -15.03
N THR A 222 9.71 -9.75 -14.51
CA THR A 222 9.20 -10.19 -13.21
C THR A 222 7.79 -10.77 -13.41
N GLU A 223 6.81 -9.90 -13.18
CA GLU A 223 5.40 -10.29 -13.12
C GLU A 223 4.59 -9.05 -13.50
N GLY A 224 3.27 -9.27 -13.58
CA GLY A 224 2.33 -8.26 -13.97
C GLY A 224 1.38 -7.92 -12.85
N SER A 225 0.35 -7.14 -13.21
CA SER A 225 -0.69 -6.67 -12.32
C SER A 225 -1.63 -7.81 -11.95
N GLY A 226 -1.14 -8.71 -11.09
CA GLY A 226 -1.97 -9.78 -10.56
C GLY A 226 -1.72 -11.16 -11.18
N PHE A 227 -0.60 -11.33 -11.91
CA PHE A 227 -0.29 -12.61 -12.56
C PHE A 227 1.23 -12.84 -12.64
N ASN A 228 1.61 -14.12 -12.71
CA ASN A 228 2.94 -14.54 -13.09
C ASN A 228 3.02 -14.67 -14.61
N ILE A 229 4.27 -14.76 -15.10
CA ILE A 229 4.57 -14.81 -16.51
C ILE A 229 5.34 -16.10 -16.79
N VAL A 230 5.03 -16.71 -17.94
CA VAL A 230 5.70 -17.92 -18.35
C VAL A 230 5.90 -17.81 -19.87
N LEU A 231 7.15 -17.99 -20.31
CA LEU A 231 7.51 -17.97 -21.71
C LEU A 231 7.77 -19.42 -22.13
N VAL A 232 7.45 -19.77 -23.40
CA VAL A 232 7.72 -21.08 -23.98
C VAL A 232 8.69 -20.90 -25.15
N LYS A 233 9.71 -21.76 -25.24
CA LYS A 233 10.76 -21.61 -26.24
C LYS A 233 11.42 -22.98 -26.45
N ASP A 234 11.28 -23.49 -27.68
CA ASP A 234 11.74 -24.82 -28.11
C ASP A 234 11.44 -25.92 -27.09
N GLY A 235 10.16 -26.10 -26.75
CA GLY A 235 9.69 -27.14 -25.84
C GLY A 235 9.94 -26.87 -24.35
N VAL A 236 10.41 -25.69 -23.96
CA VAL A 236 10.83 -25.44 -22.57
C VAL A 236 10.04 -24.26 -21.99
N LEU A 237 9.55 -24.39 -20.74
CA LEU A 237 8.93 -23.28 -20.03
C LEU A 237 9.99 -22.56 -19.19
N TYR A 238 9.92 -21.20 -19.20
CA TYR A 238 10.78 -20.29 -18.45
C TYR A 238 9.93 -19.33 -17.61
N THR A 239 10.14 -19.28 -16.27
CA THR A 239 9.44 -18.32 -15.43
C THR A 239 10.44 -17.64 -14.47
N PRO A 240 10.36 -16.30 -14.22
CA PRO A 240 11.25 -15.66 -13.25
C PRO A 240 11.10 -16.30 -11.86
N ASP A 241 12.25 -16.46 -11.19
CA ASP A 241 12.35 -17.06 -9.87
C ASP A 241 12.23 -15.97 -8.81
N ARG A 242 12.95 -14.87 -9.08
CA ARG A 242 13.24 -13.77 -8.17
C ARG A 242 12.44 -12.55 -8.65
N GLY A 243 12.02 -11.70 -7.70
CA GLY A 243 11.32 -10.46 -8.01
C GLY A 243 9.79 -10.63 -8.06
N VAL A 244 9.31 -11.87 -7.79
CA VAL A 244 7.96 -12.29 -8.07
C VAL A 244 7.35 -13.07 -6.90
N LEU A 245 6.01 -13.08 -6.90
CA LEU A 245 5.25 -13.89 -5.96
C LEU A 245 5.29 -15.31 -6.46
N GLN A 246 5.48 -16.26 -5.54
CA GLN A 246 5.57 -17.67 -5.88
C GLN A 246 4.14 -18.18 -6.01
N GLY A 247 3.61 -18.12 -7.24
CA GLY A 247 2.20 -18.38 -7.50
C GLY A 247 1.87 -19.84 -7.22
N VAL A 248 0.67 -20.08 -6.68
CA VAL A 248 0.09 -21.40 -6.60
C VAL A 248 -0.46 -21.83 -7.96
N THR A 249 -0.74 -20.88 -8.86
CA THR A 249 -1.07 -21.25 -10.24
C THR A 249 0.20 -21.62 -10.99
N ARG A 250 1.30 -20.89 -10.73
CA ARG A 250 2.62 -21.16 -11.29
C ARG A 250 3.13 -22.52 -10.82
N LYS A 251 2.90 -22.85 -9.55
CA LYS A 251 3.23 -24.16 -8.99
C LYS A 251 2.42 -25.29 -9.63
N SER A 252 1.20 -25.01 -10.12
CA SER A 252 0.35 -26.00 -10.77
C SER A 252 0.82 -26.26 -12.21
N VAL A 253 1.12 -25.15 -12.92
CA VAL A 253 1.80 -25.16 -14.20
C VAL A 253 2.98 -26.14 -14.14
N ILE A 254 3.79 -26.05 -13.06
CA ILE A 254 4.98 -26.88 -12.86
C ILE A 254 4.58 -28.33 -12.61
N ASN A 255 3.54 -28.59 -11.80
CA ASN A 255 3.07 -29.95 -11.59
C ASN A 255 2.60 -30.57 -12.91
N ALA A 256 1.85 -29.80 -13.71
CA ALA A 256 1.29 -30.32 -14.95
C ALA A 256 2.41 -30.63 -15.94
N ALA A 257 3.42 -29.75 -16.03
CA ALA A 257 4.56 -29.92 -16.93
C ALA A 257 5.39 -31.16 -16.57
N GLU A 258 5.68 -31.37 -15.29
CA GLU A 258 6.48 -32.52 -14.86
C GLU A 258 5.79 -33.85 -15.20
N ALA A 259 4.45 -33.85 -15.29
CA ALA A 259 3.67 -35.03 -15.63
C ALA A 259 3.64 -35.26 -17.15
N PHE A 260 3.77 -34.17 -17.93
CA PHE A 260 3.77 -34.26 -19.38
C PHE A 260 5.20 -34.38 -19.90
N GLY A 261 6.18 -34.39 -18.98
CA GLY A 261 7.58 -34.54 -19.34
C GLY A 261 8.16 -33.30 -20.03
N ILE A 262 7.69 -32.10 -19.64
CA ILE A 262 8.15 -30.82 -20.20
C ILE A 262 9.01 -30.14 -19.13
N GLU A 263 10.17 -29.61 -19.57
CA GLU A 263 11.14 -28.95 -18.71
C GLU A 263 10.66 -27.55 -18.30
N VAL A 264 10.71 -27.28 -16.99
CA VAL A 264 10.42 -25.96 -16.46
C VAL A 264 11.65 -25.39 -15.78
N ARG A 265 12.00 -24.16 -16.18
CA ARG A 265 13.13 -23.43 -15.67
C ARG A 265 12.65 -22.19 -14.95
N VAL A 266 12.78 -22.23 -13.61
CA VAL A 266 12.58 -21.08 -12.74
C VAL A 266 13.93 -20.43 -12.45
N GLU A 267 14.19 -19.27 -13.09
CA GLU A 267 15.49 -18.62 -13.15
C GLU A 267 15.28 -17.18 -13.64
N PHE A 268 16.37 -16.39 -13.72
CA PHE A 268 16.35 -15.07 -14.36
C PHE A 268 15.99 -15.24 -15.85
N VAL A 269 14.96 -14.48 -16.27
CA VAL A 269 14.41 -14.49 -17.62
C VAL A 269 14.63 -13.08 -18.17
N PRO A 270 15.59 -12.89 -19.09
CA PRO A 270 15.81 -11.59 -19.72
C PRO A 270 14.67 -11.21 -20.66
N VAL A 271 14.47 -9.88 -20.74
CA VAL A 271 13.41 -9.25 -21.51
C VAL A 271 13.47 -9.74 -22.94
N GLU A 272 14.70 -9.79 -23.46
CA GLU A 272 14.94 -10.12 -24.83
C GLU A 272 14.32 -11.49 -25.13
N LEU A 273 14.20 -12.37 -24.13
CA LEU A 273 13.63 -13.68 -24.39
C LEU A 273 12.14 -13.57 -24.75
N ALA A 274 11.45 -12.51 -24.33
CA ALA A 274 10.04 -12.38 -24.65
C ALA A 274 9.81 -12.06 -26.13
N TYR A 275 10.85 -11.60 -26.85
CA TYR A 275 10.74 -11.19 -28.24
C TYR A 275 11.14 -12.27 -29.21
N ARG A 276 11.61 -13.42 -28.75
CA ARG A 276 11.93 -14.51 -29.66
C ARG A 276 11.50 -15.83 -29.03
N CYS A 277 10.39 -15.80 -28.28
CA CYS A 277 9.79 -17.04 -27.80
C CYS A 277 8.66 -17.47 -28.74
N ASP A 278 8.35 -18.77 -28.64
CA ASP A 278 7.30 -19.45 -29.38
C ASP A 278 5.91 -19.08 -28.82
N GLU A 279 5.73 -19.03 -27.49
CA GLU A 279 4.43 -18.75 -26.90
C GLU A 279 4.61 -18.05 -25.55
N ILE A 280 3.53 -17.38 -25.11
CA ILE A 280 3.50 -16.68 -23.84
C ILE A 280 2.14 -16.92 -23.21
N PHE A 281 2.13 -17.17 -21.88
CA PHE A 281 0.89 -17.14 -21.11
C PHE A 281 1.14 -16.64 -19.70
N MET A 282 0.06 -16.12 -19.10
CA MET A 282 0.02 -15.56 -17.77
C MET A 282 -0.71 -16.55 -16.90
N CYS A 283 -0.47 -16.51 -15.58
CA CYS A 283 -1.14 -17.45 -14.69
C CYS A 283 -1.47 -16.77 -13.37
N THR A 284 -2.72 -17.01 -12.89
CA THR A 284 -3.22 -16.50 -11.62
C THR A 284 -4.40 -17.36 -11.17
N THR A 285 -4.74 -17.28 -9.87
CA THR A 285 -5.91 -17.93 -9.31
C THR A 285 -7.20 -17.30 -9.88
N ALA A 286 -7.18 -15.97 -10.10
CA ALA A 286 -8.33 -15.21 -10.58
C ALA A 286 -8.31 -15.17 -12.12
N GLY A 287 -8.51 -16.34 -12.74
CA GLY A 287 -8.53 -16.46 -14.19
C GLY A 287 -8.00 -17.80 -14.69
N GLY A 288 -6.94 -18.33 -14.03
CA GLY A 288 -6.29 -19.57 -14.42
C GLY A 288 -5.12 -19.33 -15.39
N ILE A 289 -5.24 -19.89 -16.61
CA ILE A 289 -4.18 -19.92 -17.61
C ILE A 289 -4.60 -19.03 -18.77
N MET A 290 -3.81 -17.98 -19.02
CA MET A 290 -4.26 -16.82 -19.77
C MET A 290 -3.28 -16.52 -20.89
N PRO A 291 -3.49 -17.05 -22.12
CA PRO A 291 -2.58 -16.86 -23.25
C PRO A 291 -2.38 -15.40 -23.65
N ILE A 292 -1.14 -15.07 -24.04
CA ILE A 292 -0.81 -13.82 -24.72
C ILE A 292 -0.40 -14.14 -26.18
N THR A 293 -1.11 -13.50 -27.14
CA THR A 293 -0.87 -13.70 -28.56
C THR A 293 -0.33 -12.42 -29.23
N THR A 294 -0.38 -11.25 -28.57
CA THR A 294 0.24 -10.05 -29.14
C THR A 294 1.08 -9.30 -28.09
N LEU A 295 2.36 -9.01 -28.42
CA LEU A 295 3.30 -8.33 -27.52
C LEU A 295 3.86 -7.08 -28.19
N ASP A 296 3.75 -5.95 -27.50
CA ASP A 296 4.19 -4.65 -28.00
C ASP A 296 3.59 -4.39 -29.39
N GLY A 297 2.31 -4.74 -29.59
CA GLY A 297 1.59 -4.43 -30.82
C GLY A 297 1.87 -5.38 -31.99
N MET A 298 2.54 -6.51 -31.76
CA MET A 298 2.99 -7.41 -32.80
C MET A 298 2.62 -8.84 -32.42
N PRO A 299 2.36 -9.74 -33.39
CA PRO A 299 1.98 -11.11 -33.07
C PRO A 299 3.10 -11.83 -32.36
N VAL A 300 2.74 -12.82 -31.52
CA VAL A 300 3.68 -13.71 -30.86
C VAL A 300 3.78 -14.98 -31.70
N ASN A 301 4.88 -15.08 -32.48
CA ASN A 301 5.19 -16.27 -33.27
C ASN A 301 3.95 -16.73 -34.03
N GLY A 302 3.38 -15.86 -34.87
CA GLY A 302 2.23 -16.22 -35.68
C GLY A 302 0.90 -15.77 -35.06
N GLY A 303 0.90 -15.39 -33.78
CA GLY A 303 -0.28 -14.81 -33.16
C GLY A 303 -1.33 -15.85 -32.77
N GLN A 304 -0.98 -17.15 -32.90
CA GLN A 304 -1.88 -18.25 -32.54
C GLN A 304 -1.56 -18.68 -31.11
N ILE A 305 -2.57 -19.26 -30.44
CA ILE A 305 -2.40 -19.86 -29.14
C ILE A 305 -1.60 -21.15 -29.31
N GLY A 306 -0.48 -21.28 -28.57
CA GLY A 306 0.51 -22.30 -28.80
C GLY A 306 0.08 -23.67 -28.28
N PRO A 307 0.69 -24.78 -28.80
CA PRO A 307 0.35 -26.14 -28.36
C PRO A 307 0.65 -26.47 -26.89
N ILE A 308 1.72 -25.92 -26.32
CA ILE A 308 2.07 -26.23 -24.92
C ILE A 308 1.18 -25.41 -23.99
N THR A 309 0.94 -24.14 -24.33
CA THR A 309 -0.03 -23.34 -23.61
C THR A 309 -1.33 -24.12 -23.44
N LYS A 310 -1.76 -24.85 -24.48
CA LYS A 310 -3.05 -25.56 -24.50
C LYS A 310 -3.04 -26.85 -23.70
N LYS A 311 -1.90 -27.55 -23.60
CA LYS A 311 -1.80 -28.73 -22.75
C LYS A 311 -1.69 -28.33 -21.28
N ILE A 312 -1.05 -27.18 -21.03
CA ILE A 312 -0.99 -26.58 -19.70
C ILE A 312 -2.40 -26.17 -19.25
N TRP A 313 -3.21 -25.64 -20.20
CA TRP A 313 -4.55 -25.13 -19.93
C TRP A 313 -5.42 -26.27 -19.39
N ASP A 314 -5.41 -27.39 -20.15
CA ASP A 314 -6.19 -28.60 -19.88
C ASP A 314 -5.69 -29.32 -18.62
N GLY A 315 -4.38 -29.43 -18.44
CA GLY A 315 -3.85 -30.07 -17.24
C GLY A 315 -4.29 -29.36 -15.96
N TYR A 316 -4.34 -28.01 -15.99
CA TYR A 316 -4.69 -27.15 -14.86
C TYR A 316 -6.13 -27.33 -14.38
N TRP A 317 -7.07 -27.44 -15.32
CA TRP A 317 -8.48 -27.61 -14.99
C TRP A 317 -8.79 -29.06 -14.60
N ALA A 318 -8.16 -30.04 -15.27
CA ALA A 318 -8.18 -31.42 -14.80
C ALA A 318 -7.80 -31.54 -13.32
N MET A 319 -6.84 -30.74 -12.84
CA MET A 319 -6.34 -30.82 -11.48
C MET A 319 -7.36 -30.32 -10.46
N HIS A 320 -8.39 -29.58 -10.92
CA HIS A 320 -9.49 -29.14 -10.06
C HIS A 320 -10.42 -30.31 -9.69
N TYR A 321 -10.24 -31.47 -10.34
CA TYR A 321 -11.07 -32.67 -10.14
C TYR A 321 -10.23 -33.82 -9.60
N ASP A 322 -9.01 -33.51 -9.18
CA ASP A 322 -8.06 -34.50 -8.71
C ASP A 322 -8.02 -34.36 -7.19
N ALA A 323 -8.10 -35.50 -6.50
CA ALA A 323 -8.26 -35.53 -5.06
C ALA A 323 -7.02 -35.01 -4.34
N ALA A 324 -5.85 -35.10 -4.99
CA ALA A 324 -4.61 -34.59 -4.43
C ALA A 324 -4.60 -33.06 -4.27
N TYR A 325 -5.41 -32.35 -5.07
CA TYR A 325 -5.29 -30.90 -5.14
C TYR A 325 -6.56 -30.19 -4.73
N SER A 326 -7.61 -30.92 -4.39
CA SER A 326 -8.91 -30.31 -4.24
C SER A 326 -9.80 -31.15 -3.33
N PHE A 327 -10.83 -30.53 -2.75
CA PHE A 327 -11.80 -31.27 -1.97
C PHE A 327 -13.20 -30.69 -2.16
N GLU A 328 -14.20 -31.54 -1.95
CA GLU A 328 -15.60 -31.20 -2.16
C GLU A 328 -16.18 -30.55 -0.90
N ILE A 329 -16.76 -29.36 -1.04
CA ILE A 329 -17.51 -28.68 0.00
C ILE A 329 -18.92 -29.28 0.12
N ASP A 330 -19.43 -29.39 1.38
CA ASP A 330 -20.82 -29.73 1.67
C ASP A 330 -21.66 -28.44 1.82
N TYR A 331 -22.65 -28.26 0.92
CA TYR A 331 -23.48 -27.08 0.89
C TYR A 331 -24.77 -27.31 1.69
N ASN A 332 -24.66 -27.95 2.88
CA ASN A 332 -25.66 -27.92 3.95
C ASN A 332 -25.31 -29.01 4.98
N MET B 11 16.03 26.03 25.49
CA MET B 11 15.54 27.31 24.92
C MET B 11 14.22 27.64 25.61
N ALA B 12 14.04 28.91 26.01
CA ALA B 12 12.72 29.33 26.53
C ALA B 12 11.74 29.19 25.39
N SER B 13 12.26 29.15 24.16
CA SER B 13 11.39 28.95 22.98
C SER B 13 10.79 27.55 23.02
N MET B 14 11.58 26.53 23.38
CA MET B 14 11.05 25.14 23.51
C MET B 14 10.11 25.12 24.70
N ASP B 15 10.48 25.78 25.79
CA ASP B 15 9.60 25.93 26.98
C ASP B 15 8.30 26.60 26.53
N LYS B 16 8.39 27.80 25.94
CA LYS B 16 7.18 28.43 25.41
C LYS B 16 6.27 27.41 24.72
N VAL B 17 6.82 26.68 23.74
CA VAL B 17 6.01 25.94 22.80
C VAL B 17 5.41 24.69 23.48
N PHE B 18 6.24 23.96 24.25
CA PHE B 18 5.79 22.70 24.85
C PHE B 18 4.94 22.92 26.11
N ALA B 19 5.03 24.10 26.73
CA ALA B 19 4.22 24.42 27.90
C ALA B 19 2.85 24.94 27.48
N GLY B 20 2.81 25.75 26.42
CA GLY B 20 1.56 26.14 25.78
C GLY B 20 0.78 24.93 25.24
N TYR B 21 1.49 23.97 24.62
CA TYR B 21 0.92 22.69 24.21
C TYR B 21 0.24 21.94 25.37
N ALA B 22 0.95 21.78 26.51
CA ALA B 22 0.52 21.00 27.65
C ALA B 22 -0.71 21.62 28.33
N ALA B 23 -0.75 22.96 28.33
CA ALA B 23 -1.82 23.76 28.90
C ALA B 23 -3.12 23.53 28.12
N ARG B 24 -3.03 23.61 26.79
CA ARG B 24 -4.14 23.39 25.88
C ARG B 24 -4.56 21.91 25.87
N GLN B 25 -3.61 20.98 26.07
CA GLN B 25 -3.94 19.56 26.16
C GLN B 25 -4.82 19.30 27.38
N ALA B 26 -4.41 19.82 28.56
CA ALA B 26 -5.15 19.60 29.78
C ALA B 26 -6.61 20.07 29.63
N ILE B 27 -6.81 21.21 28.97
CA ILE B 27 -8.13 21.75 28.66
C ILE B 27 -8.88 20.90 27.61
N LEU B 28 -8.19 20.30 26.63
CA LEU B 28 -8.92 19.48 25.67
C LEU B 28 -9.38 18.20 26.35
N GLU B 29 -8.60 17.68 27.29
CA GLU B 29 -8.93 16.38 27.88
C GLU B 29 -10.13 16.52 28.78
N SER B 30 -10.34 17.72 29.33
CA SER B 30 -11.48 18.00 30.19
C SER B 30 -12.78 17.86 29.40
N THR B 31 -12.74 18.21 28.10
CA THR B 31 -13.94 18.27 27.26
C THR B 31 -14.35 16.87 26.78
N GLU B 32 -13.63 15.81 27.15
CA GLU B 32 -13.84 14.50 26.53
C GLU B 32 -15.16 13.87 26.94
N THR B 33 -15.71 14.22 28.11
CA THR B 33 -16.95 13.62 28.57
C THR B 33 -18.17 14.43 28.10
N THR B 34 -18.01 15.74 27.84
CA THR B 34 -19.08 16.55 27.26
C THR B 34 -19.17 16.39 25.73
N ASN B 35 -18.00 16.33 25.05
CA ASN B 35 -17.88 16.52 23.62
C ASN B 35 -17.34 15.24 22.96
N PRO B 36 -18.20 14.50 22.21
CA PRO B 36 -17.81 13.18 21.69
C PRO B 36 -16.87 13.27 20.48
N PHE B 37 -16.47 14.50 20.09
CA PHE B 37 -15.55 14.72 18.99
C PHE B 37 -14.17 15.18 19.49
N ALA B 38 -13.99 15.26 20.83
CA ALA B 38 -12.80 15.81 21.46
C ALA B 38 -11.57 14.90 21.28
N LYS B 39 -11.79 13.60 21.03
CA LYS B 39 -10.72 12.63 20.74
C LYS B 39 -10.44 12.49 19.24
N GLY B 40 -11.36 12.97 18.39
CA GLY B 40 -11.17 12.96 16.94
C GLY B 40 -12.51 13.01 16.21
N ILE B 41 -12.51 13.59 15.01
CA ILE B 41 -13.70 13.67 14.18
C ILE B 41 -13.30 13.18 12.79
N ALA B 42 -14.26 12.60 12.08
CA ALA B 42 -14.07 11.99 10.78
C ALA B 42 -15.24 12.41 9.89
N TRP B 43 -14.97 12.62 8.59
CA TRP B 43 -15.98 12.83 7.55
C TRP B 43 -16.08 11.56 6.72
N VAL B 44 -17.29 11.02 6.60
CA VAL B 44 -17.52 9.81 5.81
C VAL B 44 -18.85 9.95 5.08
N GLU B 45 -18.80 10.02 3.74
CA GLU B 45 -19.99 10.04 2.89
C GLU B 45 -20.89 11.20 3.31
N GLY B 46 -20.30 12.34 3.67
CA GLY B 46 -21.06 13.53 4.06
C GLY B 46 -21.33 13.62 5.57
N GLU B 47 -21.12 12.52 6.32
CA GLU B 47 -21.45 12.42 7.73
C GLU B 47 -20.25 12.75 8.61
N LEU B 48 -20.50 13.37 9.78
CA LEU B 48 -19.52 13.67 10.81
C LEU B 48 -19.71 12.68 11.97
N VAL B 49 -18.65 11.95 12.34
CA VAL B 49 -18.75 10.90 13.36
C VAL B 49 -17.48 10.91 14.23
N PRO B 50 -17.57 10.50 15.51
CA PRO B 50 -16.36 10.28 16.33
C PRO B 50 -15.37 9.35 15.61
N LEU B 51 -14.07 9.55 15.82
CA LEU B 51 -13.06 8.94 14.97
C LEU B 51 -13.01 7.43 15.23
N ALA B 52 -13.17 7.02 16.49
CA ALA B 52 -13.11 5.62 16.88
C ALA B 52 -14.26 4.80 16.30
N GLU B 53 -15.33 5.47 15.83
CA GLU B 53 -16.49 4.80 15.28
C GLU B 53 -16.54 4.90 13.76
N ALA B 54 -15.57 5.56 13.14
CA ALA B 54 -15.56 5.70 11.68
C ALA B 54 -15.29 4.35 11.01
N ARG B 55 -16.16 4.02 10.04
CA ARG B 55 -16.10 2.78 9.31
C ARG B 55 -16.11 3.13 7.82
N ILE B 56 -15.30 2.39 7.04
CA ILE B 56 -15.23 2.57 5.59
C ILE B 56 -15.63 1.26 4.92
N PRO B 57 -16.19 1.29 3.66
CA PRO B 57 -16.53 0.06 2.95
C PRO B 57 -15.28 -0.77 2.71
N LEU B 58 -15.42 -2.07 2.94
CA LEU B 58 -14.33 -3.03 2.80
C LEU B 58 -13.86 -3.08 1.34
N LEU B 59 -14.78 -2.83 0.38
CA LEU B 59 -14.48 -2.92 -1.05
C LEU B 59 -13.88 -1.62 -1.58
N ASP B 60 -13.61 -0.64 -0.71
CA ASP B 60 -12.83 0.49 -1.16
C ASP B 60 -11.43 0.00 -1.61
N GLN B 61 -11.01 0.46 -2.79
CA GLN B 61 -9.74 0.14 -3.43
C GLN B 61 -8.55 0.76 -2.69
N GLY B 62 -8.78 1.83 -1.92
CA GLY B 62 -7.85 2.35 -0.93
C GLY B 62 -7.45 1.27 0.07
N PHE B 63 -8.40 0.40 0.39
CA PHE B 63 -8.11 -0.74 1.23
C PHE B 63 -7.60 -1.85 0.35
N MET B 64 -8.38 -2.17 -0.70
CA MET B 64 -8.19 -3.35 -1.53
C MET B 64 -6.84 -3.35 -2.26
N HIS B 65 -6.30 -2.18 -2.61
CA HIS B 65 -5.05 -2.09 -3.40
C HIS B 65 -4.34 -0.76 -3.13
N SER B 66 -4.51 -0.20 -1.94
CA SER B 66 -3.92 1.12 -1.59
C SER B 66 -3.94 2.07 -2.79
N ASP B 67 -5.00 2.01 -3.59
CA ASP B 67 -5.13 2.94 -4.74
C ASP B 67 -5.54 4.30 -4.19
N LEU B 68 -4.58 5.07 -3.69
CA LEU B 68 -4.89 6.34 -3.09
C LEU B 68 -3.67 7.26 -2.96
N THR B 69 -3.96 8.58 -2.80
CA THR B 69 -3.04 9.54 -2.22
C THR B 69 -3.67 10.14 -0.96
N TYR B 70 -2.86 10.72 -0.05
CA TYR B 70 -3.35 11.49 1.08
C TYR B 70 -2.52 12.74 1.34
N ASP B 71 -2.89 13.50 2.38
CA ASP B 71 -2.08 14.63 2.81
C ASP B 71 -2.47 15.02 4.24
N VAL B 72 -1.54 15.69 4.94
CA VAL B 72 -1.66 15.90 6.37
C VAL B 72 -1.25 17.33 6.74
N PRO B 73 -2.16 18.35 6.70
CA PRO B 73 -1.89 19.66 7.33
C PRO B 73 -2.09 19.66 8.84
N SER B 74 -1.62 20.74 9.45
CA SER B 74 -1.40 20.82 10.89
C SER B 74 -2.33 21.90 11.34
N VAL B 75 -2.76 21.84 12.61
CA VAL B 75 -3.24 23.00 13.35
C VAL B 75 -2.44 23.11 14.64
N TRP B 76 -1.95 24.34 14.93
CA TRP B 76 -1.20 24.67 16.13
C TRP B 76 -1.75 25.92 16.78
N ASP B 77 -2.07 25.82 18.09
CA ASP B 77 -2.50 26.94 18.91
C ASP B 77 -3.68 27.63 18.21
N GLY B 78 -4.57 26.81 17.62
CA GLY B 78 -5.75 27.33 16.94
C GLY B 78 -5.52 27.93 15.54
N ARG B 79 -4.34 27.68 14.94
CA ARG B 79 -3.97 28.29 13.67
C ARG B 79 -3.61 27.19 12.67
N PHE B 80 -4.31 27.14 11.52
CA PHE B 80 -3.96 26.26 10.41
C PHE B 80 -2.57 26.61 9.89
N PHE B 81 -1.66 25.61 9.77
CA PHE B 81 -0.31 25.86 9.26
C PHE B 81 -0.17 25.38 7.82
N ARG B 82 0.03 26.36 6.96
CA ARG B 82 0.24 26.22 5.54
C ARG B 82 -0.73 25.30 4.83
N LEU B 83 -1.98 25.38 5.18
CA LEU B 83 -3.02 24.49 4.66
C LEU B 83 -3.12 24.56 3.14
N ASP B 84 -3.00 25.79 2.57
CA ASP B 84 -3.04 25.99 1.12
C ASP B 84 -1.92 25.25 0.38
N ASP B 85 -0.75 25.04 1.01
CA ASP B 85 0.35 24.30 0.40
C ASP B 85 0.01 22.81 0.34
N HIS B 86 -0.63 22.31 1.39
CA HIS B 86 -0.99 20.90 1.45
C HIS B 86 -2.14 20.56 0.51
N LEU B 87 -3.01 21.53 0.27
CA LEU B 87 -4.10 21.36 -0.65
C LEU B 87 -3.57 21.38 -2.06
N THR B 88 -2.65 22.31 -2.39
CA THR B 88 -2.08 22.32 -3.69
C THR B 88 -1.29 21.04 -3.97
N ARG B 89 -0.71 20.43 -2.96
CA ARG B 89 0.07 19.21 -3.12
C ARG B 89 -0.87 18.01 -3.26
N LEU B 90 -1.98 17.99 -2.52
CA LEU B 90 -2.97 16.92 -2.66
C LEU B 90 -3.52 16.89 -4.08
N GLU B 91 -3.71 18.08 -4.68
CA GLU B 91 -4.28 18.20 -6.01
C GLU B 91 -3.25 17.75 -7.06
N ALA B 92 -1.96 18.14 -6.88
CA ALA B 92 -0.89 17.66 -7.73
C ALA B 92 -0.81 16.14 -7.66
N SER B 93 -0.95 15.60 -6.44
CA SER B 93 -0.86 14.17 -6.17
C SER B 93 -1.97 13.40 -6.87
N CYS B 94 -3.21 13.90 -6.72
CA CYS B 94 -4.36 13.33 -7.38
C CYS B 94 -4.14 13.29 -8.90
N THR B 95 -3.64 14.38 -9.48
CA THR B 95 -3.47 14.46 -10.92
C THR B 95 -2.57 13.31 -11.42
N LYS B 96 -1.44 13.05 -10.75
CA LYS B 96 -0.48 12.06 -11.20
C LYS B 96 -1.00 10.60 -11.10
N LEU B 97 -2.04 10.35 -10.31
CA LEU B 97 -2.63 9.03 -10.15
C LEU B 97 -3.95 8.93 -10.93
N ARG B 98 -4.30 10.03 -11.62
CA ARG B 98 -5.54 10.17 -12.38
C ARG B 98 -6.73 10.03 -11.44
N LEU B 99 -6.58 10.56 -10.23
CA LEU B 99 -7.68 10.80 -9.31
C LEU B 99 -8.09 12.26 -9.42
N ARG B 100 -9.25 12.57 -8.81
CA ARG B 100 -9.79 13.92 -8.73
C ARG B 100 -10.37 14.12 -7.32
N LEU B 101 -9.94 15.23 -6.68
CA LEU B 101 -10.54 15.67 -5.43
C LEU B 101 -12.06 15.75 -5.62
N PRO B 102 -12.85 14.91 -4.90
CA PRO B 102 -14.29 14.79 -5.13
C PRO B 102 -15.16 16.01 -4.80
N LEU B 103 -14.58 17.00 -4.12
CA LEU B 103 -15.25 18.27 -3.87
C LEU B 103 -14.35 19.41 -4.31
N PRO B 104 -14.89 20.60 -4.66
CA PRO B 104 -14.06 21.79 -4.81
C PRO B 104 -13.21 22.04 -3.55
N ARG B 105 -12.06 22.70 -3.74
CA ARG B 105 -11.06 22.86 -2.69
C ARG B 105 -11.45 23.94 -1.68
N ASP B 106 -12.32 24.88 -2.10
CA ASP B 106 -12.86 25.91 -1.22
C ASP B 106 -13.81 25.29 -0.22
N GLU B 107 -14.55 24.29 -0.70
CA GLU B 107 -15.52 23.57 0.10
C GLU B 107 -14.82 22.69 1.11
N VAL B 108 -13.84 21.89 0.61
CA VAL B 108 -13.01 21.04 1.45
C VAL B 108 -12.39 21.86 2.57
N LYS B 109 -11.93 23.09 2.28
CA LYS B 109 -11.34 23.96 3.30
C LYS B 109 -12.34 24.33 4.41
N GLN B 110 -13.61 24.64 4.06
CA GLN B 110 -14.62 25.05 5.05
C GLN B 110 -14.99 23.87 5.95
N ILE B 111 -15.22 22.70 5.33
CA ILE B 111 -15.48 21.47 6.06
C ILE B 111 -14.39 21.19 7.09
N LEU B 112 -13.11 21.27 6.70
CA LEU B 112 -11.99 21.01 7.60
C LEU B 112 -12.04 21.95 8.81
N VAL B 113 -12.25 23.24 8.54
CA VAL B 113 -12.38 24.24 9.57
C VAL B 113 -13.57 23.91 10.49
N GLU B 114 -14.74 23.57 9.94
CA GLU B 114 -15.85 23.12 10.78
C GLU B 114 -15.46 21.92 11.65
N MET B 115 -14.64 21.00 11.11
CA MET B 115 -14.27 19.75 11.78
C MET B 115 -13.35 19.97 12.98
N VAL B 116 -12.42 20.93 12.83
CA VAL B 116 -11.49 21.32 13.89
C VAL B 116 -12.19 22.13 14.99
N ALA B 117 -13.14 23.00 14.60
CA ALA B 117 -13.90 23.80 15.56
C ALA B 117 -14.84 22.95 16.41
N LYS B 118 -15.45 21.90 15.82
CA LYS B 118 -16.36 20.98 16.52
C LYS B 118 -15.63 20.04 17.48
N SER B 119 -14.39 19.65 17.16
CA SER B 119 -13.59 18.80 18.04
C SER B 119 -13.07 19.64 19.20
N GLY B 120 -12.84 20.94 18.94
CA GLY B 120 -12.26 21.87 19.90
C GLY B 120 -10.77 21.62 20.13
N ILE B 121 -10.12 20.96 19.15
CA ILE B 121 -8.71 20.60 19.22
C ILE B 121 -7.91 21.76 18.64
N ARG B 122 -6.93 22.25 19.43
CA ARG B 122 -6.09 23.39 19.07
C ARG B 122 -4.77 22.95 18.44
N ASP B 123 -4.36 21.70 18.71
CA ASP B 123 -3.12 21.12 18.26
C ASP B 123 -3.48 19.81 17.59
N ALA B 124 -3.62 19.86 16.24
CA ALA B 124 -4.31 18.84 15.47
C ALA B 124 -3.45 18.32 14.32
N PHE B 125 -3.46 16.98 14.19
CA PHE B 125 -3.15 16.23 12.99
C PHE B 125 -4.41 16.12 12.12
N VAL B 126 -4.36 16.61 10.87
CA VAL B 126 -5.51 16.61 9.98
C VAL B 126 -5.23 15.78 8.72
N GLU B 127 -6.02 14.75 8.41
CA GLU B 127 -5.71 13.91 7.26
C GLU B 127 -6.82 13.92 6.21
N LEU B 128 -6.42 14.08 4.94
CA LEU B 128 -7.32 13.93 3.79
C LEU B 128 -6.85 12.74 2.96
N ILE B 129 -7.78 11.86 2.57
CA ILE B 129 -7.50 10.67 1.79
C ILE B 129 -8.42 10.64 0.56
N VAL B 130 -7.83 10.63 -0.65
CA VAL B 130 -8.61 10.44 -1.87
C VAL B 130 -8.32 9.06 -2.44
N THR B 131 -9.36 8.21 -2.60
CA THR B 131 -9.15 6.85 -3.08
C THR B 131 -9.82 6.66 -4.45
N ARG B 132 -9.57 5.51 -5.09
CA ARG B 132 -10.08 5.18 -6.41
C ARG B 132 -11.60 4.97 -6.37
N GLY B 133 -12.08 4.58 -5.18
CA GLY B 133 -13.49 4.33 -4.91
C GLY B 133 -13.79 2.84 -4.89
N LEU B 134 -15.07 2.48 -5.08
CA LEU B 134 -15.57 1.12 -4.90
C LEU B 134 -15.25 0.21 -6.08
N LYS B 135 -14.95 0.80 -7.25
CA LYS B 135 -14.70 0.03 -8.47
C LYS B 135 -13.24 0.15 -8.90
N GLY B 136 -12.59 -1.01 -9.02
CA GLY B 136 -11.16 -1.10 -9.25
C GLY B 136 -10.80 -0.64 -10.66
N VAL B 137 -9.51 -0.41 -10.88
CA VAL B 137 -9.01 0.12 -12.15
C VAL B 137 -9.07 -0.97 -13.22
N ARG B 138 -8.90 -2.24 -12.82
CA ARG B 138 -8.82 -3.36 -13.76
C ARG B 138 -10.21 -3.80 -14.20
N GLY B 139 -10.53 -3.64 -15.50
CA GLY B 139 -11.78 -4.15 -16.08
C GLY B 139 -12.99 -3.25 -15.85
N THR B 140 -12.76 -1.98 -15.44
CA THR B 140 -13.80 -0.95 -15.33
C THR B 140 -13.47 0.21 -16.28
N ARG B 141 -14.46 0.67 -17.05
CA ARG B 141 -14.27 1.78 -17.97
C ARG B 141 -13.99 3.06 -17.16
N PRO B 142 -12.96 3.87 -17.52
CA PRO B 142 -12.59 5.08 -16.78
C PRO B 142 -13.68 6.06 -16.33
N GLU B 143 -14.78 6.15 -17.06
CA GLU B 143 -15.84 7.13 -16.77
C GLU B 143 -16.79 6.60 -15.68
N ASP B 144 -16.76 5.28 -15.40
CA ASP B 144 -17.58 4.66 -14.36
C ASP B 144 -16.88 4.66 -12.99
N ILE B 145 -15.59 5.04 -12.92
CA ILE B 145 -14.84 5.10 -11.66
C ILE B 145 -15.28 6.36 -10.89
N VAL B 146 -15.62 6.19 -9.60
CA VAL B 146 -16.10 7.27 -8.74
C VAL B 146 -15.23 7.29 -7.48
N ASN B 147 -14.36 8.31 -7.42
CA ASN B 147 -13.36 8.48 -6.37
C ASN B 147 -14.05 8.88 -5.05
N ASN B 148 -13.50 8.38 -3.94
CA ASN B 148 -14.03 8.60 -2.60
C ASN B 148 -13.10 9.54 -1.81
N LEU B 149 -13.70 10.31 -0.90
CA LEU B 149 -12.99 11.14 0.05
C LEU B 149 -13.25 10.67 1.49
N TYR B 150 -12.19 10.69 2.28
CA TYR B 150 -12.28 10.55 3.71
C TYR B 150 -11.44 11.67 4.27
N MET B 151 -11.96 12.32 5.32
CA MET B 151 -11.17 13.30 6.06
C MET B 151 -11.30 12.97 7.53
N PHE B 152 -10.27 13.32 8.33
CA PHE B 152 -10.39 13.20 9.78
C PHE B 152 -9.44 14.17 10.50
N VAL B 153 -9.85 14.57 11.72
CA VAL B 153 -9.03 15.39 12.61
C VAL B 153 -8.77 14.59 13.89
N GLN B 154 -7.53 14.63 14.39
CA GLN B 154 -7.20 14.02 15.68
C GLN B 154 -6.13 14.86 16.41
N PRO B 155 -5.96 14.67 17.73
CA PRO B 155 -4.89 15.32 18.48
C PRO B 155 -3.53 15.14 17.84
N TYR B 156 -2.71 16.20 17.90
CA TYR B 156 -1.37 16.23 17.30
C TYR B 156 -0.55 14.96 17.57
N VAL B 157 0.04 14.41 16.50
CA VAL B 157 0.91 13.23 16.61
C VAL B 157 2.37 13.66 16.65
N TRP B 158 3.14 13.04 17.55
CA TRP B 158 4.57 13.32 17.71
C TRP B 158 5.37 12.12 17.21
N VAL B 159 6.08 12.29 16.08
CA VAL B 159 7.04 11.29 15.59
C VAL B 159 8.25 11.23 16.53
N MET B 160 8.59 12.39 17.13
CA MET B 160 9.50 12.48 18.26
C MET B 160 8.84 13.32 19.36
N GLU B 161 8.76 12.74 20.56
CA GLU B 161 8.14 13.37 21.74
C GLU B 161 8.83 14.68 22.05
N PRO B 162 8.13 15.69 22.63
CA PRO B 162 8.78 16.91 23.13
C PRO B 162 10.10 16.73 23.88
N ASP B 163 10.15 15.85 24.89
CA ASP B 163 11.32 15.81 25.76
C ASP B 163 12.48 15.09 25.07
N MET B 164 12.22 14.21 24.10
CA MET B 164 13.31 13.63 23.31
C MET B 164 13.83 14.66 22.30
N GLN B 165 13.02 15.66 21.93
CA GLN B 165 13.49 16.75 21.06
C GLN B 165 14.51 17.66 21.77
N ARG B 166 14.52 17.65 23.11
CA ARG B 166 15.43 18.48 23.89
C ARG B 166 16.84 17.86 23.98
N VAL B 167 16.91 16.51 23.88
CA VAL B 167 18.15 15.75 23.94
C VAL B 167 18.60 15.27 22.56
N GLY B 168 17.67 15.05 21.62
CA GLY B 168 17.96 14.42 20.34
C GLY B 168 17.75 12.90 20.39
N GLY B 169 17.50 12.27 19.22
CA GLY B 169 17.15 10.87 19.11
C GLY B 169 18.23 10.03 18.44
N SER B 170 18.02 8.70 18.35
CA SER B 170 18.99 7.84 17.68
C SER B 170 18.44 7.28 16.35
N ALA B 171 19.30 7.37 15.31
CA ALA B 171 19.04 6.89 13.96
C ALA B 171 19.98 5.73 13.60
N VAL B 172 19.60 5.02 12.53
CA VAL B 172 20.47 4.12 11.81
C VAL B 172 20.27 4.33 10.32
N VAL B 173 21.38 4.33 9.57
CA VAL B 173 21.33 4.11 8.13
C VAL B 173 21.06 2.63 7.92
N ALA B 174 19.95 2.38 7.21
CA ALA B 174 19.32 1.08 7.09
C ALA B 174 20.13 0.25 6.10
N ARG B 175 20.25 -1.05 6.37
CA ARG B 175 21.04 -1.96 5.55
C ARG B 175 20.30 -3.28 5.21
N THR B 176 19.08 -3.47 5.73
CA THR B 176 18.25 -4.63 5.40
C THR B 176 17.19 -4.19 4.38
N VAL B 177 17.02 -2.88 4.22
CA VAL B 177 15.98 -2.32 3.38
C VAL B 177 16.49 -1.01 2.77
N ARG B 178 15.92 -0.69 1.59
CA ARG B 178 16.17 0.54 0.88
C ARG B 178 14.83 1.09 0.35
N ARG B 179 14.77 2.40 0.06
CA ARG B 179 13.54 3.07 -0.34
C ARG B 179 13.12 2.64 -1.75
N VAL B 180 11.82 2.35 -1.86
CA VAL B 180 11.14 2.20 -3.15
C VAL B 180 11.61 3.32 -4.08
N PRO B 181 12.15 2.95 -5.27
CA PRO B 181 12.65 3.95 -6.23
C PRO B 181 11.50 4.62 -7.00
N PRO B 182 11.69 5.91 -7.47
CA PRO B 182 10.64 6.66 -8.19
C PRO B 182 10.00 6.07 -9.46
N GLY B 183 10.69 5.12 -10.11
CA GLY B 183 10.15 4.44 -11.29
C GLY B 183 9.38 3.16 -10.94
N ALA B 184 9.19 2.87 -9.65
CA ALA B 184 8.19 1.93 -9.19
C ALA B 184 6.99 2.69 -8.62
N ILE B 185 7.21 3.48 -7.56
CA ILE B 185 6.22 4.43 -7.04
C ILE B 185 6.82 5.83 -6.88
N ASP B 186 6.12 6.84 -7.39
CA ASP B 186 6.55 8.24 -7.31
C ASP B 186 6.47 8.73 -5.86
N PRO B 187 7.62 9.07 -5.22
CA PRO B 187 7.60 9.50 -3.82
C PRO B 187 7.17 10.96 -3.62
N THR B 188 7.02 11.70 -4.73
CA THR B 188 6.45 13.05 -4.69
C THR B 188 4.93 12.95 -4.52
N VAL B 189 4.40 11.75 -4.73
CA VAL B 189 2.99 11.43 -4.51
C VAL B 189 2.83 10.81 -3.12
N LYS B 190 2.31 11.62 -2.19
CA LYS B 190 2.10 11.18 -0.82
C LYS B 190 1.22 9.93 -0.85
N ASN B 191 1.74 8.81 -0.33
CA ASN B 191 1.06 7.53 -0.40
C ASN B 191 1.27 6.74 0.89
N LEU B 192 0.45 5.70 1.07
CA LEU B 192 0.42 4.87 2.27
C LEU B 192 0.89 3.45 1.96
N GLN B 193 1.83 3.33 1.02
CA GLN B 193 2.49 2.06 0.72
C GLN B 193 3.83 2.01 1.48
N TRP B 194 3.74 1.62 2.77
CA TRP B 194 4.81 1.81 3.75
C TRP B 194 5.59 0.52 4.02
N GLY B 195 5.56 -0.45 3.08
CA GLY B 195 6.19 -1.74 3.33
C GLY B 195 7.68 -1.56 3.58
N ASP B 196 8.30 -0.61 2.86
CA ASP B 196 9.72 -0.30 3.02
C ASP B 196 9.94 0.45 4.34
N LEU B 197 9.03 1.37 4.66
CA LEU B 197 9.19 2.19 5.86
C LEU B 197 8.97 1.36 7.11
N VAL B 198 8.04 0.41 7.07
CA VAL B 198 7.79 -0.44 8.23
C VAL B 198 8.99 -1.35 8.49
N ARG B 199 9.50 -1.98 7.42
CA ARG B 199 10.73 -2.77 7.47
C ARG B 199 11.84 -1.99 8.18
N GLY B 200 11.88 -0.66 7.95
CA GLY B 200 12.91 0.21 8.51
C GLY B 200 12.74 0.44 10.00
N MET B 201 11.48 0.56 10.43
CA MET B 201 11.16 0.79 11.82
C MET B 201 11.53 -0.44 12.63
N PHE B 202 11.30 -1.63 12.07
CA PHE B 202 11.74 -2.89 12.68
C PHE B 202 13.26 -2.98 12.72
N GLU B 203 13.92 -2.67 11.59
CA GLU B 203 15.37 -2.73 11.57
C GLU B 203 15.89 -1.83 12.69
N ALA B 204 15.49 -0.55 12.67
CA ALA B 204 16.02 0.42 13.62
C ALA B 204 15.88 -0.14 15.04
N ALA B 205 14.72 -0.75 15.36
CA ALA B 205 14.40 -1.19 16.72
C ALA B 205 15.26 -2.40 17.10
N ASP B 206 15.37 -3.39 16.20
CA ASP B 206 16.29 -4.52 16.35
C ASP B 206 17.74 -4.14 16.61
N ARG B 207 18.13 -2.92 16.21
CA ARG B 207 19.49 -2.43 16.36
C ARG B 207 19.54 -1.35 17.46
N GLY B 208 18.55 -1.36 18.37
CA GLY B 208 18.52 -0.45 19.52
C GLY B 208 18.43 1.03 19.15
N ALA B 209 17.80 1.37 18.02
CA ALA B 209 17.58 2.76 17.63
C ALA B 209 16.09 3.01 17.38
N THR B 210 15.73 4.26 17.10
CA THR B 210 14.33 4.62 16.92
C THR B 210 13.98 4.81 15.44
N TYR B 211 14.91 5.46 14.70
CA TYR B 211 14.63 6.17 13.46
C TYR B 211 15.47 5.60 12.31
N PRO B 212 14.83 5.11 11.22
CA PRO B 212 15.56 4.65 10.04
C PRO B 212 15.80 5.72 8.97
N PHE B 213 17.02 5.71 8.41
CA PHE B 213 17.36 6.49 7.22
C PHE B 213 17.62 5.48 6.09
N LEU B 214 16.79 5.60 5.05
CA LEU B 214 16.77 4.67 3.93
C LEU B 214 17.63 5.24 2.81
N THR B 215 18.39 4.35 2.18
CA THR B 215 19.15 4.69 0.97
C THR B 215 18.30 4.36 -0.26
N ASP B 216 18.80 4.81 -1.43
CA ASP B 216 18.20 4.51 -2.73
C ASP B 216 18.81 3.23 -3.31
N GLY B 217 19.67 2.53 -2.57
CA GLY B 217 20.42 1.43 -3.14
C GLY B 217 21.61 1.91 -3.98
N ASP B 218 21.80 3.23 -4.15
CA ASP B 218 22.90 3.77 -4.95
C ASP B 218 23.83 4.66 -4.11
N ALA B 219 23.88 4.39 -2.78
CA ALA B 219 24.75 5.08 -1.82
C ALA B 219 24.37 6.56 -1.64
N ASN B 220 23.09 6.91 -1.79
CA ASN B 220 22.64 8.23 -1.38
C ASN B 220 21.51 8.07 -0.37
N LEU B 221 21.33 9.08 0.48
CA LEU B 221 20.22 9.12 1.43
C LEU B 221 18.95 9.55 0.71
N THR B 222 17.80 9.09 1.22
CA THR B 222 16.49 9.58 0.78
C THR B 222 15.74 10.22 1.96
N GLU B 223 14.87 9.41 2.57
CA GLU B 223 13.99 9.84 3.64
C GLU B 223 13.78 8.64 4.58
N GLY B 224 13.01 8.87 5.64
CA GLY B 224 12.74 7.82 6.61
C GLY B 224 11.25 7.60 6.75
N SER B 225 10.89 6.85 7.81
CA SER B 225 9.53 6.41 8.09
C SER B 225 8.68 7.58 8.60
N GLY B 226 8.36 8.49 7.67
CA GLY B 226 7.44 9.59 7.95
C GLY B 226 8.08 10.97 8.10
N PHE B 227 9.25 11.19 7.44
CA PHE B 227 10.03 12.41 7.62
C PHE B 227 11.14 12.51 6.56
N ASN B 228 11.51 13.78 6.29
CA ASN B 228 12.68 14.15 5.51
C ASN B 228 13.89 14.29 6.43
N ILE B 229 15.07 14.31 5.78
CA ILE B 229 16.35 14.29 6.46
C ILE B 229 17.18 15.50 6.01
N VAL B 230 17.88 16.12 6.95
CA VAL B 230 18.63 17.34 6.67
C VAL B 230 19.93 17.29 7.45
N LEU B 231 21.06 17.48 6.73
CA LEU B 231 22.40 17.40 7.28
C LEU B 231 22.98 18.81 7.30
N VAL B 232 23.79 19.11 8.32
CA VAL B 232 24.48 20.39 8.41
C VAL B 232 25.98 20.11 8.42
N LYS B 233 26.71 20.87 7.61
CA LYS B 233 28.13 20.65 7.41
C LYS B 233 28.78 22.00 7.09
N ASP B 234 29.72 22.44 7.95
CA ASP B 234 30.40 23.73 7.84
C ASP B 234 29.43 24.84 7.41
N GLY B 235 28.29 24.99 8.11
CA GLY B 235 27.41 26.14 7.95
C GLY B 235 26.38 26.03 6.82
N VAL B 236 26.23 24.84 6.24
CA VAL B 236 25.43 24.62 5.03
C VAL B 236 24.43 23.49 5.35
N LEU B 237 23.17 23.62 4.89
CA LEU B 237 22.23 22.52 4.97
C LEU B 237 22.19 21.77 3.64
N TYR B 238 22.09 20.43 3.76
CA TYR B 238 22.04 19.50 2.64
C TYR B 238 20.81 18.60 2.82
N THR B 239 19.90 18.59 1.83
CA THR B 239 18.74 17.71 1.92
C THR B 239 18.50 17.06 0.57
N PRO B 240 18.23 15.73 0.50
CA PRO B 240 17.94 15.05 -0.77
C PRO B 240 16.76 15.66 -1.55
N ASP B 241 16.97 15.75 -2.86
CA ASP B 241 16.04 16.32 -3.84
C ASP B 241 15.20 15.18 -4.41
N ARG B 242 15.90 14.12 -4.81
CA ARG B 242 15.33 13.05 -5.59
C ARG B 242 14.89 11.96 -4.62
N GLY B 243 13.81 11.23 -4.94
CA GLY B 243 13.49 9.97 -4.30
C GLY B 243 12.77 10.11 -2.95
N VAL B 244 12.35 11.36 -2.67
CA VAL B 244 11.76 11.76 -1.39
C VAL B 244 10.43 12.45 -1.66
N LEU B 245 9.58 12.53 -0.61
CA LEU B 245 8.49 13.50 -0.61
C LEU B 245 9.06 14.92 -0.46
N GLN B 246 8.48 15.86 -1.21
CA GLN B 246 8.84 17.26 -1.10
C GLN B 246 8.03 17.86 0.04
N GLY B 247 8.60 17.78 1.26
CA GLY B 247 7.87 18.10 2.48
C GLY B 247 7.54 19.59 2.62
N VAL B 248 6.40 19.85 3.28
CA VAL B 248 6.03 21.21 3.66
C VAL B 248 6.86 21.66 4.87
N THR B 249 7.28 20.73 5.72
CA THR B 249 8.19 21.12 6.79
C THR B 249 9.51 21.53 6.14
N ARG B 250 9.96 20.77 5.14
CA ARG B 250 11.26 20.99 4.48
C ARG B 250 11.29 22.34 3.78
N LYS B 251 10.22 22.64 3.08
CA LYS B 251 9.95 23.97 2.53
C LYS B 251 10.07 25.07 3.59
N SER B 252 9.55 24.84 4.81
CA SER B 252 9.61 25.82 5.90
C SER B 252 11.04 26.00 6.42
N VAL B 253 11.71 24.87 6.61
CA VAL B 253 13.11 24.85 6.97
C VAL B 253 13.86 25.77 6.01
N ILE B 254 13.49 25.68 4.70
CA ILE B 254 14.21 26.35 3.63
C ILE B 254 13.90 27.83 3.70
N ASN B 255 12.62 28.21 3.89
CA ASN B 255 12.24 29.61 4.01
C ASN B 255 12.99 30.26 5.19
N ALA B 256 13.07 29.56 6.33
CA ALA B 256 13.76 30.04 7.51
C ALA B 256 15.27 30.15 7.28
N ALA B 257 15.86 29.28 6.45
CA ALA B 257 17.30 29.35 6.21
C ALA B 257 17.67 30.59 5.41
N GLU B 258 16.88 30.93 4.40
CA GLU B 258 17.15 32.06 3.52
C GLU B 258 16.93 33.39 4.24
N ALA B 259 15.97 33.41 5.18
CA ALA B 259 15.74 34.56 6.04
C ALA B 259 16.96 34.79 6.94
N PHE B 260 17.64 33.71 7.37
CA PHE B 260 18.76 33.81 8.30
C PHE B 260 20.11 33.85 7.57
N GLY B 261 20.12 33.80 6.23
CA GLY B 261 21.34 33.84 5.44
C GLY B 261 22.12 32.52 5.40
N ILE B 262 21.43 31.40 5.68
CA ILE B 262 22.02 30.07 5.71
C ILE B 262 21.75 29.38 4.36
N GLU B 263 22.82 28.89 3.71
CA GLU B 263 22.73 28.25 2.41
C GLU B 263 22.09 26.87 2.55
N VAL B 264 21.14 26.56 1.65
CA VAL B 264 20.48 25.27 1.59
C VAL B 264 20.75 24.63 0.23
N ARG B 265 21.30 23.42 0.24
CA ARG B 265 21.55 22.68 -0.98
C ARG B 265 20.59 21.49 -1.01
N VAL B 266 19.63 21.56 -1.95
CA VAL B 266 18.69 20.46 -2.24
C VAL B 266 19.24 19.67 -3.45
N GLU B 267 19.92 18.54 -3.19
CA GLU B 267 20.63 17.82 -4.22
C GLU B 267 20.86 16.38 -3.76
N PHE B 268 21.60 15.59 -4.56
CA PHE B 268 22.06 14.28 -4.14
C PHE B 268 23.01 14.40 -2.94
N VAL B 269 22.64 13.69 -1.86
CA VAL B 269 23.37 13.69 -0.61
C VAL B 269 23.88 12.27 -0.40
N PRO B 270 25.21 12.07 -0.50
CA PRO B 270 25.78 10.75 -0.26
C PRO B 270 25.73 10.34 1.22
N VAL B 271 25.62 9.02 1.41
CA VAL B 271 25.52 8.37 2.72
C VAL B 271 26.73 8.75 3.57
N GLU B 272 27.88 8.87 2.89
CA GLU B 272 29.13 9.25 3.53
C GLU B 272 28.96 10.56 4.28
N LEU B 273 28.23 11.55 3.72
CA LEU B 273 28.19 12.88 4.31
C LEU B 273 27.58 12.82 5.71
N ALA B 274 26.73 11.81 5.98
CA ALA B 274 26.02 11.69 7.25
C ALA B 274 26.97 11.26 8.37
N TYR B 275 28.14 10.71 8.01
CA TYR B 275 29.13 10.29 8.99
C TYR B 275 30.21 11.35 9.21
N ARG B 276 30.11 12.49 8.55
CA ARG B 276 31.08 13.52 8.72
C ARG B 276 30.50 14.92 8.78
N CYS B 277 29.24 15.02 9.14
CA CYS B 277 28.59 16.31 9.30
C CYS B 277 28.61 16.74 10.78
N ASP B 278 28.34 18.04 10.95
CA ASP B 278 28.29 18.73 12.22
C ASP B 278 26.98 18.46 12.99
N GLU B 279 25.83 18.34 12.30
CA GLU B 279 24.53 18.16 12.94
C GLU B 279 23.57 17.41 12.01
N ILE B 280 22.54 16.80 12.60
CA ILE B 280 21.49 16.15 11.84
C ILE B 280 20.14 16.50 12.45
N PHE B 281 19.11 16.60 11.59
CA PHE B 281 17.72 16.73 12.03
C PHE B 281 16.75 16.22 10.95
N MET B 282 15.63 15.67 11.43
CA MET B 282 14.52 15.17 10.64
C MET B 282 13.44 16.27 10.66
N CYS B 283 12.55 16.27 9.66
CA CYS B 283 11.50 17.27 9.63
C CYS B 283 10.21 16.66 9.06
N THR B 284 9.08 17.04 9.67
CA THR B 284 7.78 16.48 9.32
C THR B 284 6.71 17.32 9.99
N THR B 285 5.46 17.17 9.52
CA THR B 285 4.33 17.86 10.09
C THR B 285 4.01 17.28 11.48
N ALA B 286 4.20 15.95 11.63
CA ALA B 286 3.89 15.28 12.88
C ALA B 286 5.10 15.29 13.85
N GLY B 287 5.47 16.47 14.39
CA GLY B 287 6.59 16.56 15.31
C GLY B 287 7.38 17.86 15.17
N GLY B 288 7.43 18.39 13.93
CA GLY B 288 8.22 19.57 13.57
C GLY B 288 9.68 19.24 13.21
N ILE B 289 10.59 19.90 13.95
CA ILE B 289 12.03 19.83 13.76
C ILE B 289 12.61 18.87 14.79
N MET B 290 13.25 17.78 14.36
CA MET B 290 13.54 16.66 15.25
C MET B 290 15.02 16.30 15.23
N PRO B 291 15.83 16.80 16.20
CA PRO B 291 17.28 16.52 16.22
C PRO B 291 17.68 15.05 16.38
N ILE B 292 18.71 14.65 15.62
CA ILE B 292 19.43 13.39 15.79
C ILE B 292 20.83 13.65 16.37
N THR B 293 21.16 12.99 17.47
CA THR B 293 22.44 13.16 18.16
C THR B 293 23.22 11.85 18.27
N THR B 294 22.61 10.69 17.98
CA THR B 294 23.38 9.44 17.84
C THR B 294 23.03 8.74 16.51
N LEU B 295 24.07 8.35 15.74
CA LEU B 295 23.92 7.66 14.46
C LEU B 295 24.76 6.37 14.43
N ASP B 296 24.10 5.27 14.03
CA ASP B 296 24.63 3.91 14.08
C ASP B 296 25.29 3.70 15.47
N GLY B 297 24.69 4.24 16.52
CA GLY B 297 25.13 4.00 17.88
C GLY B 297 26.36 4.81 18.31
N MET B 298 26.60 5.98 17.67
CA MET B 298 27.78 6.78 17.96
C MET B 298 27.37 8.26 17.99
N PRO B 299 27.98 9.10 18.85
CA PRO B 299 27.59 10.50 18.90
C PRO B 299 27.77 11.13 17.53
N VAL B 300 26.86 12.03 17.16
CA VAL B 300 27.02 12.84 15.97
C VAL B 300 27.78 14.11 16.38
N ASN B 301 28.98 14.32 15.82
CA ASN B 301 29.80 15.50 16.09
C ASN B 301 29.82 15.87 17.59
N GLY B 302 29.94 14.88 18.49
CA GLY B 302 30.02 15.17 19.91
C GLY B 302 28.72 14.98 20.69
N GLY B 303 27.59 14.76 20.00
CA GLY B 303 26.37 14.28 20.64
C GLY B 303 25.45 15.38 21.17
N GLN B 304 25.84 16.66 21.01
CA GLN B 304 25.05 17.80 21.49
C GLN B 304 24.17 18.28 20.33
N ILE B 305 23.00 18.84 20.62
CA ILE B 305 22.22 19.55 19.63
C ILE B 305 23.00 20.80 19.17
N GLY B 306 23.06 21.01 17.84
CA GLY B 306 23.95 21.99 17.24
C GLY B 306 23.26 23.35 17.04
N PRO B 307 24.05 24.44 16.84
CA PRO B 307 23.50 25.80 16.78
C PRO B 307 22.55 26.10 15.61
N ILE B 308 22.77 25.53 14.41
CA ILE B 308 21.90 25.79 13.28
C ILE B 308 20.58 25.02 13.41
N THR B 309 20.63 23.77 13.89
CA THR B 309 19.43 23.03 14.25
C THR B 309 18.52 23.86 15.18
N LYS B 310 19.12 24.55 16.17
CA LYS B 310 18.41 25.40 17.12
C LYS B 310 17.76 26.60 16.44
N LYS B 311 18.52 27.33 15.60
CA LYS B 311 17.97 28.48 14.89
C LYS B 311 16.83 28.03 13.96
N ILE B 312 16.98 26.89 13.28
CA ILE B 312 15.94 26.33 12.42
C ILE B 312 14.72 25.95 13.28
N TRP B 313 14.96 25.32 14.46
CA TRP B 313 13.92 24.91 15.40
C TRP B 313 12.99 26.09 15.71
N ASP B 314 13.59 27.20 16.15
CA ASP B 314 12.84 28.38 16.58
C ASP B 314 12.14 29.05 15.40
N GLY B 315 12.85 29.30 14.29
CA GLY B 315 12.27 29.89 13.10
C GLY B 315 10.96 29.20 12.69
N TYR B 316 10.95 27.85 12.77
CA TYR B 316 9.83 27.01 12.35
C TYR B 316 8.58 27.24 13.22
N TRP B 317 8.76 27.36 14.54
CA TRP B 317 7.62 27.63 15.40
C TRP B 317 7.20 29.10 15.36
N ALA B 318 8.13 30.04 15.14
CA ALA B 318 7.76 31.44 14.85
C ALA B 318 6.81 31.53 13.67
N MET B 319 7.04 30.75 12.60
CA MET B 319 6.28 30.85 11.36
C MET B 319 4.80 30.49 11.56
N HIS B 320 4.48 29.80 12.67
CA HIS B 320 3.12 29.38 12.95
C HIS B 320 2.22 30.56 13.36
N TYR B 321 2.83 31.73 13.66
CA TYR B 321 2.14 32.91 14.16
C TYR B 321 2.33 34.06 13.17
N ASP B 322 2.72 33.70 11.96
CA ASP B 322 3.03 34.64 10.90
C ASP B 322 1.90 34.46 9.91
N ALA B 323 1.29 35.56 9.44
CA ALA B 323 0.07 35.48 8.66
C ALA B 323 0.34 35.07 7.21
N ALA B 324 1.63 35.07 6.80
CA ALA B 324 2.01 34.60 5.49
C ALA B 324 1.79 33.09 5.37
N TYR B 325 1.87 32.37 6.51
CA TYR B 325 1.90 30.91 6.55
C TYR B 325 0.76 30.32 7.36
N SER B 326 -0.12 31.14 7.94
CA SER B 326 -1.13 30.61 8.85
C SER B 326 -2.32 31.57 9.00
N PHE B 327 -3.45 30.99 9.42
CA PHE B 327 -4.68 31.73 9.70
C PHE B 327 -5.33 31.17 10.97
N GLU B 328 -5.99 32.06 11.73
CA GLU B 328 -6.64 31.69 12.97
C GLU B 328 -8.02 31.11 12.66
N ILE B 329 -8.32 29.96 13.25
CA ILE B 329 -9.63 29.36 13.23
C ILE B 329 -10.56 30.02 14.28
N ASP B 330 -11.85 30.11 13.93
CA ASP B 330 -12.90 30.48 14.87
C ASP B 330 -13.56 29.21 15.43
N TYR B 331 -13.37 28.98 16.74
CA TYR B 331 -13.87 27.79 17.43
C TYR B 331 -15.28 28.00 17.94
N ASN B 332 -15.67 29.27 18.15
CA ASN B 332 -17.05 29.68 18.26
C ASN B 332 -17.70 29.10 19.52
N1 PLP C . 1.69 -11.82 -8.80
C2 PLP C . 0.86 -10.95 -8.25
C2A PLP C . 1.27 -9.51 -8.09
C3 PLP C . -0.44 -11.36 -7.86
O3 PLP C . -1.31 -10.44 -7.31
C4 PLP C . -0.84 -12.71 -8.04
C4A PLP C . -2.18 -13.11 -7.64
O4A PLP C . -3.21 -12.47 -7.81
C5 PLP C . 0.09 -13.61 -8.60
C6 PLP C . 1.33 -13.12 -8.96
C5A PLP C . -0.25 -15.06 -8.87
O4P PLP C . -0.73 -15.73 -7.67
P PLP C . -1.45 -17.19 -7.48
O1P PLP C . -2.95 -16.83 -7.47
O2P PLP C . -1.02 -18.13 -8.62
O3P PLP C . -1.06 -17.67 -6.05
N1 PLP D . 8.45 11.68 3.82
C2 PLP D . 7.50 10.79 4.13
C2A PLP D . 7.64 9.38 3.68
C3 PLP D . 6.38 11.19 4.90
O3 PLP D . 5.42 10.23 5.21
C4 PLP D . 6.26 12.53 5.32
C4A PLP D . 5.09 12.94 6.11
O4A PLP D . 4.51 12.27 6.94
C5 PLP D . 7.29 13.43 4.97
C6 PLP D . 8.33 12.96 4.21
C5A PLP D . 7.29 14.88 5.38
O4P PLP D . 6.11 15.56 4.86
P PLP D . 5.60 16.97 5.41
O1P PLP D . 4.74 17.65 4.31
O2P PLP D . 6.89 17.71 5.76
O3P PLP D . 4.75 16.50 6.55
#